data_7YCL
#
_entry.id   7YCL
#
_cell.length_a   85.279
_cell.length_b   86.860
_cell.length_c   98.089
_cell.angle_alpha   90.000
_cell.angle_beta   108.660
_cell.angle_gamma   90.000
#
_symmetry.space_group_name_H-M   'P 1 21 1'
#
loop_
_entity.id
_entity.type
_entity.pdbx_description
1 polymer 'IS-9A Fab heavy chain'
2 polymer 'IS-9A Fab light chain'
3 polymer 'Spike protein S1'
4 branched 2-acetamido-2-deoxy-beta-D-glucopyranose-(1-4)-[alpha-L-fucopyranose-(1-6)]2-acetamido-2-deoxy-beta-D-glucopyranose
5 water water
#
loop_
_entity_poly.entity_id
_entity_poly.type
_entity_poly.pdbx_seq_one_letter_code
_entity_poly.pdbx_strand_id
1 'polypeptide(L)'
;QVQLVQSGAEVKKPGESLRISCKGSGYSFTNYWISWVRQMPGKGLEWMGRIDPSDSYINYSPSFQGHATISADKSISTAY
LQWGSLKASDTAMYYCARGRNYLDSRGRFDYWGQGTLVTVSSASTKGPSVFPLAPSSKSTSGGTAALGCLVKDYFPEPVT
VSWNSGALTSGVHTFPAVLQSSGLYSLSSVVTVPSSSLGTQTYICNVNHKPSNTKVDKKVEPKSC
;
A,H
2 'polypeptide(L)'
;DIVMTQSPSSLSASVGDRVTITCQASQDISNYLNWYQQKSGKAPKLLIYDASNLETGVPSRFSGSGSGTDFTFTISSLQP
EDIATYYCQQYDSLGFTFGPGTKVEIRRTVAAPSVFIFPPSDEQLKSGTASVVCLLNNFYPREAKVQWKVDNALQSGNSQ
ESVTEQDSKDSTYSLSSTLTLSKADYEKHKVYACEVTHQGLSSPVTKSFNRGEC
;
B,L
3 'polypeptide(L)'
;TNLCPFGEVFNATRFASVYAWNRKRISNCVADYSVLYNSASFSTFKCYGVSPTKLNDLCFTNVYADSFVIRGDEVRQIAP
GQTGKIADYNYKLPDDFTGCVIAWNSNNLDSKVGGNYNYLYRLFRKSNLKPFERDISTEIYQAGSTPCNGVEGFNCYFPL
QSYGFQPTNGVGYQPYRVVVLSFELLHAPATVCGPKKSHHHHHH
;
R,D
#
loop_
_chem_comp.id
_chem_comp.type
_chem_comp.name
_chem_comp.formula
FUC L-saccharide, alpha linking alpha-L-fucopyranose 'C6 H12 O5'
NAG D-saccharide, beta linking 2-acetamido-2-deoxy-beta-D-glucopyranose 'C8 H15 N O6'
#
# COMPACT_ATOMS: atom_id res chain seq x y z
N GLN A 1 -4.30 22.08 29.61
CA GLN A 1 -5.27 21.32 28.87
C GLN A 1 -4.61 20.82 27.58
N VAL A 2 -4.74 19.52 27.31
CA VAL A 2 -4.23 18.98 26.05
C VAL A 2 -5.16 19.40 24.93
N GLN A 3 -4.59 19.93 23.86
CA GLN A 3 -5.36 20.37 22.71
C GLN A 3 -4.67 19.97 21.40
N LEU A 4 -5.47 19.62 20.40
CA LEU A 4 -5.02 19.38 19.00
C LEU A 4 -5.85 20.30 18.11
N VAL A 5 -5.21 21.18 17.39
CA VAL A 5 -5.91 22.18 16.57
C VAL A 5 -5.54 21.95 15.11
N GLN A 6 -6.53 21.69 14.27
CA GLN A 6 -6.31 21.41 12.86
C GLN A 6 -6.57 22.63 11.99
N SER A 7 -5.96 22.63 10.81
CA SER A 7 -6.18 23.69 9.83
C SER A 7 -7.61 23.63 9.27
N GLY A 8 -7.99 24.70 8.55
CA GLY A 8 -9.36 24.87 8.11
C GLY A 8 -9.74 24.00 6.91
N ALA A 9 -11.04 24.04 6.60
CA ALA A 9 -11.56 23.31 5.45
C ALA A 9 -10.83 23.70 4.17
N GLU A 10 -10.71 22.75 3.25
CA GLU A 10 -9.97 22.95 2.01
C GLU A 10 -10.78 22.44 0.84
N VAL A 11 -10.65 23.14 -0.29
CA VAL A 11 -11.18 22.69 -1.57
C VAL A 11 -10.05 22.74 -2.58
N LYS A 12 -9.83 21.64 -3.29
CA LYS A 12 -8.78 21.59 -4.29
C LYS A 12 -9.28 20.87 -5.54
N LYS A 13 -8.64 21.19 -6.66
CA LYS A 13 -8.90 20.47 -7.91
C LYS A 13 -8.12 19.17 -7.95
N PRO A 14 -8.63 18.15 -8.66
CA PRO A 14 -7.89 16.90 -8.81
C PRO A 14 -6.49 17.16 -9.38
N GLY A 15 -5.51 16.41 -8.89
CA GLY A 15 -4.14 16.59 -9.31
C GLY A 15 -3.36 17.65 -8.55
N GLU A 16 -4.01 18.52 -7.80
CA GLU A 16 -3.25 19.47 -7.00
C GLU A 16 -2.70 18.77 -5.76
N SER A 17 -1.68 19.38 -5.17
CA SER A 17 -1.15 18.91 -3.91
C SER A 17 -1.81 19.66 -2.75
N LEU A 18 -1.75 19.04 -1.57
CA LEU A 18 -2.38 19.58 -0.36
C LEU A 18 -1.67 19.02 0.87
N ARG A 19 -1.45 19.90 1.85
CA ARG A 19 -1.00 19.48 3.16
C ARG A 19 -1.93 20.07 4.21
N ILE A 20 -2.44 19.23 5.09
CA ILE A 20 -3.23 19.70 6.22
C ILE A 20 -2.43 19.44 7.49
N SER A 21 -2.74 20.19 8.54
CA SER A 21 -1.90 20.21 9.73
C SER A 21 -2.70 19.99 10.99
N CYS A 22 -1.95 19.73 12.06
CA CYS A 22 -2.48 19.41 13.38
C CYS A 22 -1.45 19.86 14.40
N LYS A 23 -1.74 20.91 15.17
CA LYS A 23 -0.79 21.45 16.15
C LYS A 23 -1.17 21.06 17.58
N GLY A 24 -0.23 20.44 18.29
CA GLY A 24 -0.48 20.00 19.64
C GLY A 24 -0.05 21.06 20.64
N SER A 25 -0.79 21.14 21.73
CA SER A 25 -0.42 22.04 22.81
C SER A 25 -0.78 21.41 24.14
N GLY A 26 -0.17 21.92 25.22
CA GLY A 26 -0.54 21.49 26.55
C GLY A 26 0.07 20.18 26.98
N TYR A 27 1.04 19.66 26.24
CA TYR A 27 1.70 18.42 26.58
C TYR A 27 3.00 18.37 25.78
N SER A 28 3.81 17.35 26.06
CA SER A 28 5.09 17.19 25.39
C SER A 28 4.86 16.48 24.04
N PHE A 29 4.86 17.28 22.97
CA PHE A 29 4.45 16.81 21.64
C PHE A 29 5.29 15.63 21.18
N THR A 30 6.58 15.61 21.52
CA THR A 30 7.47 14.58 21.03
C THR A 30 7.37 13.27 21.80
N ASN A 31 6.50 13.16 22.80
CA ASN A 31 6.42 11.93 23.59
C ASN A 31 5.19 11.07 23.29
N TYR A 32 4.32 11.50 22.37
CA TYR A 32 3.10 10.77 22.05
C TYR A 32 2.95 10.61 20.54
N TRP A 33 2.54 9.40 20.13
CA TRP A 33 2.16 9.16 18.74
C TRP A 33 0.94 9.97 18.32
N ILE A 34 1.01 10.57 17.14
CA ILE A 34 -0.12 11.24 16.51
C ILE A 34 -0.64 10.36 15.38
N SER A 35 -1.95 10.12 15.34
CA SER A 35 -2.59 9.34 14.30
C SER A 35 -3.44 10.23 13.41
N TRP A 36 -3.64 9.79 12.17
CA TRP A 36 -4.59 10.40 11.25
C TRP A 36 -5.68 9.39 10.94
N VAL A 37 -6.91 9.88 10.93
CA VAL A 37 -8.12 9.06 10.79
C VAL A 37 -8.99 9.69 9.72
N ARG A 38 -9.45 8.88 8.77
CA ARG A 38 -10.26 9.36 7.66
C ARG A 38 -11.71 8.95 7.89
N GLN A 39 -12.64 9.86 7.56
CA GLN A 39 -14.06 9.52 7.56
C GLN A 39 -14.68 9.92 6.22
N MET A 40 -14.88 8.93 5.37
CA MET A 40 -15.52 9.12 4.04
C MET A 40 -16.95 9.60 4.23
N PRO A 41 -17.51 10.30 3.25
CA PRO A 41 -18.87 10.82 3.35
C PRO A 41 -19.90 9.72 3.70
N GLY A 42 -20.47 9.77 4.89
CA GLY A 42 -21.46 8.75 5.28
C GLY A 42 -20.87 7.49 5.92
N LYS A 43 -19.57 7.24 5.73
CA LYS A 43 -18.87 6.03 6.23
C LYS A 43 -18.31 6.18 7.67
N GLY A 44 -17.62 5.15 8.13
CA GLY A 44 -17.09 5.13 9.48
C GLY A 44 -15.69 5.70 9.56
N LEU A 45 -15.03 5.38 10.66
CA LEU A 45 -13.68 5.84 10.88
C LEU A 45 -12.70 4.81 10.32
N GLU A 46 -11.66 5.30 9.64
CA GLU A 46 -10.58 4.46 9.16
C GLU A 46 -9.25 5.01 9.67
N TRP A 47 -8.46 4.18 10.35
CA TRP A 47 -7.13 4.58 10.78
C TRP A 47 -6.19 4.55 9.58
N MET A 48 -5.52 5.68 9.31
CA MET A 48 -4.59 5.81 8.18
C MET A 48 -3.15 5.51 8.57
N GLY A 49 -2.73 5.92 9.76
CA GLY A 49 -1.35 5.79 10.14
C GLY A 49 -1.07 6.66 11.35
N ARG A 50 0.18 6.54 11.83
CA ARG A 50 0.60 7.27 13.02
C ARG A 50 2.09 7.56 12.92
N ILE A 51 2.49 8.65 13.56
CA ILE A 51 3.87 9.13 13.51
C ILE A 51 4.33 9.43 14.94
N ASP A 52 5.57 9.05 15.24
CA ASP A 52 6.24 9.45 16.47
C ASP A 52 6.97 10.77 16.21
N PRO A 53 6.53 11.89 16.79
CA PRO A 53 7.18 13.16 16.41
C PRO A 53 8.64 13.26 16.82
N SER A 54 9.14 12.42 17.73
CA SER A 54 10.55 12.58 18.14
C SER A 54 11.51 12.20 17.01
N ASP A 55 11.21 11.13 16.25
CA ASP A 55 12.08 10.69 15.17
C ASP A 55 11.36 10.59 13.83
N SER A 56 10.09 11.02 13.76
CA SER A 56 9.28 10.88 12.55
C SER A 56 9.16 9.43 12.11
N TYR A 57 9.21 8.49 13.05
CA TYR A 57 8.91 7.11 12.72
C TYR A 57 7.41 6.99 12.39
N ILE A 58 7.08 6.29 11.30
CA ILE A 58 5.70 6.19 10.83
C ILE A 58 5.29 4.73 10.73
N ASN A 59 4.12 4.42 11.28
CA ASN A 59 3.39 3.19 10.94
C ASN A 59 2.21 3.59 10.09
N TYR A 60 2.10 3.00 8.91
CA TYR A 60 0.96 3.21 8.04
C TYR A 60 -0.01 2.04 8.14
N SER A 61 -1.29 2.35 7.99
CA SER A 61 -2.25 1.28 7.81
C SER A 61 -1.91 0.51 6.55
N PRO A 62 -2.17 -0.82 6.51
CA PRO A 62 -1.89 -1.63 5.33
C PRO A 62 -2.70 -1.16 4.11
N SER A 63 -3.91 -0.61 4.34
CA SER A 63 -4.76 -0.13 3.22
C SER A 63 -4.04 0.95 2.42
N PHE A 64 -3.76 2.08 3.06
CA PHE A 64 -3.10 3.27 2.46
C PHE A 64 -1.69 2.87 1.99
N GLN A 65 -1.57 2.60 0.69
CA GLN A 65 -0.30 2.17 0.06
C GLN A 65 0.72 3.30 0.12
N GLY A 66 0.53 4.35 -0.69
CA GLY A 66 1.49 5.47 -0.68
C GLY A 66 0.87 6.76 -1.19
N HIS A 67 -0.46 6.85 -1.14
CA HIS A 67 -1.17 8.04 -1.60
C HIS A 67 -0.88 9.22 -0.67
N ALA A 68 -1.32 9.16 0.56
CA ALA A 68 -1.12 10.25 1.51
C ALA A 68 0.07 9.94 2.39
N THR A 69 0.88 10.97 2.65
CA THR A 69 2.10 10.83 3.48
C THR A 69 1.96 11.64 4.78
N ILE A 70 2.35 11.04 5.90
CA ILE A 70 2.32 11.67 7.22
C ILE A 70 3.70 12.21 7.56
N SER A 71 3.75 13.37 8.18
CA SER A 71 5.03 13.91 8.62
C SER A 71 4.80 14.75 9.88
N ALA A 72 5.90 15.23 10.48
CA ALA A 72 5.77 16.07 11.67
C ALA A 72 6.93 17.04 11.73
N ASP A 73 6.66 18.22 12.28
CA ASP A 73 7.69 19.23 12.53
C ASP A 73 7.78 19.43 14.04
N LYS A 74 8.76 18.76 14.65
CA LYS A 74 9.08 18.89 16.06
C LYS A 74 9.11 20.33 16.54
N SER A 75 9.78 21.20 15.78
CA SER A 75 10.05 22.55 16.26
C SER A 75 8.78 23.35 16.53
N ILE A 76 7.66 23.03 15.88
CA ILE A 76 6.44 23.78 16.08
C ILE A 76 5.28 22.90 16.53
N SER A 77 5.58 21.75 17.13
CA SER A 77 4.58 20.85 17.69
C SER A 77 3.46 20.56 16.67
N THR A 78 3.84 20.27 15.43
CA THR A 78 2.84 20.13 14.37
C THR A 78 3.06 18.82 13.61
N ALA A 79 1.96 18.12 13.34
CA ALA A 79 1.93 16.95 12.48
C ALA A 79 1.17 17.30 11.22
N TYR A 80 1.47 16.58 10.13
CA TYR A 80 0.94 16.88 8.81
C TYR A 80 0.45 15.61 8.11
N LEU A 81 -0.55 15.79 7.24
CA LEU A 81 -0.98 14.79 6.28
C LEU A 81 -1.04 15.44 4.91
N GLN A 82 -0.42 14.83 3.91
CA GLN A 82 -0.27 15.53 2.65
C GLN A 82 -0.42 14.60 1.46
N TRP A 83 -0.87 15.18 0.36
CA TRP A 83 -1.05 14.50 -0.92
C TRP A 83 -0.26 15.23 -1.98
N GLY A 84 0.55 14.48 -2.75
CA GLY A 84 1.18 15.09 -3.91
C GLY A 84 0.20 15.39 -5.02
N SER A 85 -0.79 14.51 -5.22
CA SER A 85 -1.75 14.69 -6.31
C SER A 85 -3.10 14.15 -5.87
N LEU A 86 -4.03 15.06 -5.53
CA LEU A 86 -5.33 14.67 -4.99
C LEU A 86 -6.19 13.99 -6.04
N LYS A 87 -7.02 13.05 -5.57
CA LYS A 87 -8.04 12.38 -6.37
C LYS A 87 -9.41 12.64 -5.77
N ALA A 88 -10.45 12.36 -6.56
CA ALA A 88 -11.82 12.55 -6.09
C ALA A 88 -12.07 11.82 -4.79
N SER A 89 -11.55 10.60 -4.65
CA SER A 89 -11.77 9.75 -3.48
C SER A 89 -11.10 10.25 -2.21
N ASP A 90 -10.29 11.31 -2.29
CA ASP A 90 -9.76 11.94 -1.09
C ASP A 90 -10.77 12.88 -0.42
N THR A 91 -11.94 13.08 -1.02
CA THR A 91 -12.98 13.90 -0.40
C THR A 91 -13.47 13.24 0.88
N ALA A 92 -13.15 13.84 2.03
CA ALA A 92 -13.43 13.19 3.32
C ALA A 92 -13.19 14.18 4.44
N MET A 93 -13.54 13.75 5.65
CA MET A 93 -13.15 14.45 6.87
C MET A 93 -11.91 13.77 7.42
N TYR A 94 -10.94 14.57 7.86
CA TYR A 94 -9.69 14.04 8.41
C TYR A 94 -9.52 14.53 9.86
N TYR A 95 -9.28 13.58 10.76
CA TYR A 95 -9.03 13.87 12.16
C TYR A 95 -7.60 13.49 12.51
N CYS A 96 -6.94 14.31 13.31
CA CYS A 96 -5.75 13.83 13.98
C CYS A 96 -6.11 13.51 15.43
N ALA A 97 -5.28 12.68 16.04
CA ALA A 97 -5.58 12.19 17.37
C ALA A 97 -4.27 11.89 18.06
N ARG A 98 -4.20 12.19 19.36
CA ARG A 98 -3.06 11.79 20.16
C ARG A 98 -3.26 10.35 20.61
N GLY A 99 -2.26 9.51 20.36
CA GLY A 99 -2.30 8.15 20.87
C GLY A 99 -1.39 7.96 22.06
N ARG A 100 -0.69 6.84 22.08
CA ARG A 100 -0.04 6.41 23.30
C ARG A 100 1.28 7.14 23.52
N ASN A 101 1.63 7.30 24.79
CA ASN A 101 2.93 7.78 25.15
C ASN A 101 3.94 6.73 24.73
N TYR A 102 5.13 7.15 24.30
CA TYR A 102 6.10 6.16 23.84
C TYR A 102 6.43 5.10 24.89
N LEU A 103 6.23 5.39 26.17
CA LEU A 103 6.48 4.43 27.22
C LEU A 103 5.34 3.43 27.39
N ASP A 104 4.18 3.72 26.80
CA ASP A 104 2.95 2.99 27.03
C ASP A 104 2.69 2.08 25.84
N SER A 105 2.32 0.82 26.11
CA SER A 105 1.95 -0.09 25.05
C SER A 105 0.46 -0.11 24.77
N ARG A 106 -0.37 0.55 25.59
CA ARG A 106 -1.83 0.53 25.46
C ARG A 106 -2.30 1.63 24.51
N GLY A 107 -2.65 1.27 23.27
CA GLY A 107 -3.07 2.28 22.31
C GLY A 107 -4.51 2.70 22.59
N ARG A 108 -4.75 4.01 22.48
CA ARG A 108 -6.05 4.64 22.63
C ARG A 108 -5.90 6.10 22.26
N PHE A 109 -6.94 6.69 21.74
CA PHE A 109 -6.92 8.08 21.32
C PHE A 109 -7.63 8.90 22.41
N ASP A 110 -6.86 9.52 23.30
CA ASP A 110 -7.50 10.25 24.38
C ASP A 110 -7.85 11.70 24.01
N TYR A 111 -7.18 12.32 23.03
CA TYR A 111 -7.56 13.66 22.57
C TYR A 111 -7.54 13.72 21.04
N TRP A 112 -8.46 14.50 20.48
CA TRP A 112 -8.69 14.58 19.04
C TRP A 112 -8.70 16.04 18.58
N GLY A 113 -8.24 16.27 17.35
CA GLY A 113 -8.48 17.53 16.67
C GLY A 113 -9.93 17.69 16.26
N GLN A 114 -10.28 18.90 15.82
CA GLN A 114 -11.67 19.18 15.49
C GLN A 114 -12.06 18.66 14.10
N GLY A 115 -11.11 18.10 13.33
CA GLY A 115 -11.44 17.64 11.99
C GLY A 115 -11.26 18.67 10.89
N THR A 116 -10.76 18.24 9.74
CA THR A 116 -10.58 19.08 8.57
C THR A 116 -11.33 18.46 7.41
N LEU A 117 -12.28 19.20 6.86
CA LEU A 117 -13.07 18.73 5.73
C LEU A 117 -12.34 19.04 4.44
N VAL A 118 -12.06 18.02 3.64
CA VAL A 118 -11.37 18.18 2.35
C VAL A 118 -12.36 17.88 1.23
N THR A 119 -12.44 18.79 0.25
CA THR A 119 -13.24 18.56 -0.95
C THR A 119 -12.32 18.59 -2.15
N VAL A 120 -12.35 17.52 -2.95
CA VAL A 120 -11.62 17.47 -4.19
C VAL A 120 -12.64 17.57 -5.32
N SER A 121 -12.56 18.64 -6.10
CA SER A 121 -13.56 18.90 -7.11
C SER A 121 -12.99 19.86 -8.14
N SER A 122 -13.48 19.73 -9.37
CA SER A 122 -13.14 20.71 -10.38
C SER A 122 -14.09 21.90 -10.39
N ALA A 123 -15.17 21.86 -9.62
CA ALA A 123 -16.13 22.96 -9.68
C ALA A 123 -15.58 24.18 -8.94
N SER A 124 -16.08 25.35 -9.31
CA SER A 124 -15.54 26.59 -8.77
C SER A 124 -16.12 26.91 -7.40
N THR A 125 -15.28 27.46 -6.54
CA THR A 125 -15.72 28.01 -5.27
C THR A 125 -16.70 29.16 -5.49
N LYS A 126 -17.82 29.12 -4.77
CA LYS A 126 -18.85 30.15 -4.90
C LYS A 126 -19.42 30.44 -3.53
N GLY A 127 -19.42 31.72 -3.15
CA GLY A 127 -20.04 32.16 -1.91
C GLY A 127 -21.55 32.16 -2.04
N PRO A 128 -22.24 32.03 -0.91
CA PRO A 128 -23.70 31.96 -0.95
C PRO A 128 -24.37 33.33 -0.94
N SER A 129 -25.58 33.36 -1.47
CA SER A 129 -26.47 34.49 -1.24
C SER A 129 -27.43 34.12 -0.12
N VAL A 130 -27.67 35.08 0.78
CA VAL A 130 -28.45 34.84 1.99
C VAL A 130 -29.77 35.61 1.90
N PHE A 131 -30.89 34.88 2.01
CA PHE A 131 -32.23 35.44 1.91
C PHE A 131 -33.02 35.21 3.19
N PRO A 132 -33.83 36.18 3.61
CA PRO A 132 -34.61 35.99 4.85
C PRO A 132 -35.76 35.03 4.65
N LEU A 133 -36.08 34.29 5.72
CA LEU A 133 -37.30 33.51 5.87
C LEU A 133 -38.11 34.24 6.94
N ALA A 134 -39.05 35.09 6.50
CA ALA A 134 -39.76 36.10 7.28
C ALA A 134 -41.00 35.51 7.95
N PRO A 135 -41.27 35.86 9.22
CA PRO A 135 -42.43 35.37 9.97
C PRO A 135 -43.79 35.82 9.40
N SER A 136 -44.87 35.14 9.79
CA SER A 136 -46.24 35.33 9.22
C SER A 136 -46.73 36.78 9.23
N SER A 137 -46.84 37.39 10.40
CA SER A 137 -47.31 38.78 10.63
C SER A 137 -48.57 39.05 9.79
N GLY A 142 -51.09 31.68 17.88
CA GLY A 142 -50.12 30.63 18.19
C GLY A 142 -49.30 30.89 19.43
N GLY A 143 -48.50 31.94 19.39
CA GLY A 143 -47.60 32.25 20.51
C GLY A 143 -46.15 32.15 20.09
N THR A 144 -45.82 31.14 19.31
CA THR A 144 -44.44 30.91 18.82
C THR A 144 -44.37 31.23 17.33
N ALA A 145 -43.36 31.98 16.91
CA ALA A 145 -43.15 32.31 15.49
C ALA A 145 -41.82 31.74 15.02
N ALA A 146 -41.77 31.33 13.76
CA ALA A 146 -40.53 30.83 13.17
C ALA A 146 -40.01 31.83 12.16
N LEU A 147 -38.69 32.05 12.19
CA LEU A 147 -38.03 32.83 11.15
C LEU A 147 -36.72 32.16 10.83
N GLY A 148 -36.04 32.64 9.80
CA GLY A 148 -34.81 31.99 9.43
C GLY A 148 -34.08 32.70 8.32
N CYS A 149 -33.05 32.00 7.84
CA CYS A 149 -32.17 32.45 6.77
C CYS A 149 -31.95 31.29 5.80
N LEU A 150 -32.13 31.59 4.51
CA LEU A 150 -31.87 30.68 3.41
C LEU A 150 -30.49 30.99 2.84
N VAL A 151 -29.59 30.03 2.91
CA VAL A 151 -28.19 30.18 2.50
C VAL A 151 -28.06 29.36 1.22
N LYS A 152 -28.10 30.03 0.06
CA LYS A 152 -28.35 29.35 -1.20
C LYS A 152 -27.18 29.50 -2.18
N ASP A 153 -26.93 28.42 -2.94
CA ASP A 153 -26.03 28.40 -4.10
C ASP A 153 -24.57 28.68 -3.69
N TYR A 154 -23.99 27.73 -2.95
CA TYR A 154 -22.60 27.85 -2.55
C TYR A 154 -21.86 26.55 -2.81
N PHE A 155 -20.53 26.67 -2.88
CA PHE A 155 -19.64 25.51 -3.05
C PHE A 155 -18.27 25.93 -2.57
N PRO A 156 -17.53 25.06 -1.83
CA PRO A 156 -18.00 23.77 -1.37
C PRO A 156 -18.59 23.88 0.02
N GLU A 157 -18.79 22.75 0.68
CA GLU A 157 -19.00 22.74 2.12
C GLU A 157 -17.70 23.11 2.82
N PRO A 158 -17.78 23.63 4.07
CA PRO A 158 -18.98 23.86 4.87
C PRO A 158 -19.33 25.34 5.01
N VAL A 159 -20.52 25.61 5.54
CA VAL A 159 -20.86 26.95 6.00
C VAL A 159 -21.22 26.82 7.48
N THR A 160 -21.03 27.91 8.21
CA THR A 160 -21.50 28.00 9.58
C THR A 160 -22.57 29.09 9.64
N VAL A 161 -23.59 28.86 10.46
CA VAL A 161 -24.64 29.84 10.68
C VAL A 161 -24.83 29.98 12.18
N SER A 162 -24.85 31.21 12.65
CA SER A 162 -25.21 31.52 14.03
C SER A 162 -26.28 32.61 14.02
N TRP A 163 -26.84 32.89 15.19
CA TRP A 163 -27.87 33.90 15.35
C TRP A 163 -27.49 34.87 16.45
N ASN A 164 -27.66 36.16 16.16
CA ASN A 164 -27.25 37.24 17.07
C ASN A 164 -25.84 36.98 17.60
N SER A 165 -24.93 36.65 16.65
CA SER A 165 -23.50 36.49 16.93
C SER A 165 -23.22 35.33 17.88
N GLY A 166 -24.08 34.32 17.88
CA GLY A 166 -23.91 33.21 18.80
C GLY A 166 -24.63 33.36 20.12
N ALA A 167 -25.14 34.55 20.43
CA ALA A 167 -25.89 34.72 21.66
C ALA A 167 -27.21 33.96 21.65
N LEU A 168 -27.83 33.78 20.49
CA LEU A 168 -29.13 33.12 20.40
C LEU A 168 -28.96 31.69 19.94
N THR A 169 -29.24 30.73 20.84
CA THR A 169 -29.03 29.32 20.55
C THR A 169 -30.29 28.52 20.80
N SER A 170 -31.14 28.98 21.71
CA SER A 170 -32.35 28.24 22.03
C SER A 170 -33.31 28.28 20.86
N GLY A 171 -33.74 27.11 20.41
CA GLY A 171 -34.66 26.98 19.29
C GLY A 171 -34.03 27.05 17.92
N VAL A 172 -32.71 27.05 17.83
CA VAL A 172 -32.05 27.16 16.53
C VAL A 172 -31.95 25.79 15.89
N HIS A 173 -32.33 25.71 14.61
CA HIS A 173 -32.16 24.50 13.80
C HIS A 173 -31.47 24.89 12.50
N THR A 174 -30.23 24.45 12.33
CA THR A 174 -29.51 24.62 11.09
C THR A 174 -29.47 23.28 10.38
N PHE A 175 -30.18 23.17 9.27
CA PHE A 175 -30.38 21.92 8.55
C PHE A 175 -29.13 21.52 7.77
N PRO A 176 -28.93 20.23 7.54
CA PRO A 176 -27.85 19.82 6.65
C PRO A 176 -28.08 20.35 5.24
N ALA A 177 -26.99 20.72 4.59
CA ALA A 177 -27.06 21.24 3.24
C ALA A 177 -27.62 20.18 2.29
N VAL A 178 -28.32 20.63 1.27
CA VAL A 178 -28.76 19.75 0.20
C VAL A 178 -28.02 20.17 -1.07
N LEU A 179 -27.52 19.19 -1.79
CA LEU A 179 -26.92 19.42 -3.09
C LEU A 179 -28.04 19.59 -4.12
N GLN A 180 -28.09 20.76 -4.76
CA GLN A 180 -29.09 21.03 -5.79
C GLN A 180 -28.64 20.43 -7.13
N SER A 181 -29.57 20.41 -8.09
CA SER A 181 -29.25 19.86 -9.40
C SER A 181 -28.17 20.66 -10.11
N SER A 182 -28.02 21.95 -9.79
CA SER A 182 -26.95 22.76 -10.36
C SER A 182 -25.57 22.36 -9.85
N GLY A 183 -25.48 21.40 -8.92
CA GLY A 183 -24.22 21.10 -8.26
C GLY A 183 -23.89 22.02 -7.10
N LEU A 184 -24.78 22.94 -6.75
CA LEU A 184 -24.53 23.89 -5.68
C LEU A 184 -25.29 23.50 -4.43
N TYR A 185 -24.70 23.83 -3.28
CA TYR A 185 -25.34 23.54 -2.01
C TYR A 185 -26.31 24.65 -1.62
N SER A 186 -27.32 24.26 -0.87
CA SER A 186 -28.24 25.20 -0.23
C SER A 186 -28.57 24.70 1.17
N LEU A 187 -28.83 25.65 2.07
CA LEU A 187 -29.00 25.35 3.47
C LEU A 187 -29.96 26.37 4.08
N SER A 188 -30.77 25.93 5.03
CA SER A 188 -31.63 26.83 5.78
C SER A 188 -31.30 26.74 7.26
N SER A 189 -31.45 27.88 7.94
CA SER A 189 -31.36 27.93 9.38
C SER A 189 -32.59 28.66 9.90
N VAL A 190 -33.28 28.04 10.87
CA VAL A 190 -34.49 28.61 11.42
C VAL A 190 -34.34 28.73 12.93
N VAL A 191 -35.15 29.61 13.51
CA VAL A 191 -35.23 29.74 14.96
C VAL A 191 -36.66 30.07 15.31
N THR A 192 -37.18 29.48 16.38
CA THR A 192 -38.50 29.83 16.86
C THR A 192 -38.39 30.85 17.98
N VAL A 193 -39.21 31.89 17.90
CA VAL A 193 -39.19 33.00 18.84
C VAL A 193 -40.62 33.32 19.24
N PRO A 194 -40.82 34.06 20.33
CA PRO A 194 -42.19 34.48 20.68
C PRO A 194 -42.74 35.46 19.67
N SER A 195 -43.98 35.22 19.23
CA SER A 195 -44.62 36.09 18.25
C SER A 195 -44.63 37.54 18.71
N SER A 196 -44.76 37.75 20.03
CA SER A 196 -44.82 39.09 20.61
C SER A 196 -43.52 39.84 20.46
N SER A 197 -42.41 39.15 20.18
CA SER A 197 -41.13 39.81 20.02
C SER A 197 -40.84 40.25 18.59
N LEU A 198 -41.64 39.82 17.60
CA LEU A 198 -41.32 40.14 16.21
C LEU A 198 -41.30 41.64 15.97
N GLY A 199 -42.22 42.38 16.59
CA GLY A 199 -42.30 43.80 16.35
C GLY A 199 -41.03 44.53 16.73
N THR A 200 -40.47 44.20 17.90
CA THR A 200 -39.47 45.04 18.52
C THR A 200 -38.08 44.45 18.64
N GLN A 201 -37.91 43.14 18.48
CA GLN A 201 -36.61 42.53 18.74
C GLN A 201 -35.84 42.27 17.46
N THR A 202 -34.52 42.22 17.60
CA THR A 202 -33.63 42.10 16.46
C THR A 202 -33.11 40.69 16.34
N TYR A 203 -33.30 40.10 15.16
CA TYR A 203 -32.85 38.74 14.84
C TYR A 203 -32.00 38.79 13.58
N ILE A 204 -30.74 38.39 13.72
CA ILE A 204 -29.73 38.48 12.67
C ILE A 204 -29.06 37.12 12.55
N CYS A 205 -28.97 36.60 11.32
CA CYS A 205 -28.20 35.39 11.08
C CYS A 205 -26.81 35.78 10.60
N ASN A 206 -25.80 35.16 11.18
CA ASN A 206 -24.41 35.38 10.80
C ASN A 206 -23.96 34.19 9.99
N VAL A 207 -23.82 34.39 8.68
CA VAL A 207 -23.40 33.33 7.77
C VAL A 207 -21.94 33.53 7.44
N ASN A 208 -21.16 32.46 7.54
CA ASN A 208 -19.74 32.50 7.20
C ASN A 208 -19.45 31.34 6.26
N HIS A 209 -18.92 31.66 5.08
CA HIS A 209 -18.46 30.66 4.12
C HIS A 209 -16.97 30.93 3.88
N LYS A 210 -16.12 30.31 4.69
CA LYS A 210 -14.69 30.61 4.65
C LYS A 210 -14.04 30.30 3.30
N PRO A 211 -14.34 29.18 2.62
CA PRO A 211 -13.72 28.94 1.30
C PRO A 211 -13.84 30.10 0.31
N SER A 212 -14.90 30.89 0.36
CA SER A 212 -15.05 32.05 -0.51
C SER A 212 -14.82 33.36 0.23
N ASN A 213 -14.43 33.31 1.50
CA ASN A 213 -14.26 34.51 2.32
C ASN A 213 -15.53 35.35 2.34
N THR A 214 -16.69 34.69 2.26
CA THR A 214 -18.00 35.35 2.30
C THR A 214 -18.56 35.29 3.72
N LYS A 215 -18.76 36.45 4.35
CA LYS A 215 -19.42 36.57 5.68
C LYS A 215 -20.60 37.51 5.49
N VAL A 216 -21.78 37.11 5.93
CA VAL A 216 -22.99 37.93 5.77
C VAL A 216 -23.76 37.97 7.10
N ASP A 217 -24.16 39.17 7.50
CA ASP A 217 -25.03 39.35 8.65
C ASP A 217 -26.36 39.85 8.11
N LYS A 218 -27.41 39.04 8.24
CA LYS A 218 -28.69 39.36 7.62
C LYS A 218 -29.72 39.57 8.71
N LYS A 219 -30.24 40.79 8.81
CA LYS A 219 -31.37 41.07 9.70
C LYS A 219 -32.64 40.50 9.11
N VAL A 220 -33.35 39.67 9.88
CA VAL A 220 -34.56 39.00 9.42
C VAL A 220 -35.76 39.72 10.03
N GLU A 221 -36.64 40.22 9.16
CA GLU A 221 -37.73 41.08 9.57
C GLU A 221 -39.07 40.51 9.12
N PRO A 222 -40.15 40.79 9.85
CA PRO A 222 -41.46 40.45 9.31
C PRO A 222 -41.71 41.27 8.06
N LYS A 223 -42.35 40.63 7.08
CA LYS A 223 -42.62 41.28 5.81
C LYS A 223 -43.66 42.38 5.98
N SER A 224 -43.38 43.55 5.42
CA SER A 224 -44.38 44.61 5.42
C SER A 224 -45.46 44.24 4.42
N ASP B 1 -4.13 -7.73 9.14
CA ASP B 1 -5.33 -8.25 8.43
C ASP B 1 -6.39 -8.65 9.45
N ILE B 2 -6.72 -7.74 10.38
CA ILE B 2 -7.75 -8.01 11.44
C ILE B 2 -9.08 -7.37 11.04
N VAL B 3 -10.14 -8.19 10.92
CA VAL B 3 -11.47 -7.71 10.58
C VAL B 3 -12.26 -7.55 11.87
N MET B 4 -12.79 -6.35 12.07
CA MET B 4 -13.64 -6.05 13.21
C MET B 4 -15.07 -5.92 12.71
N THR B 5 -16.00 -6.54 13.42
CA THR B 5 -17.41 -6.43 13.15
C THR B 5 -18.11 -5.91 14.39
N GLN B 6 -19.30 -5.36 14.20
CA GLN B 6 -20.13 -4.86 15.28
C GLN B 6 -21.58 -5.21 14.98
N SER B 7 -22.36 -5.44 16.02
CA SER B 7 -23.78 -5.66 15.85
C SER B 7 -24.51 -5.01 17.02
N PRO B 8 -25.71 -4.49 16.78
CA PRO B 8 -26.31 -4.35 15.44
C PRO B 8 -25.76 -3.12 14.69
N SER B 9 -26.11 -2.96 13.41
CA SER B 9 -25.65 -1.78 12.70
C SER B 9 -26.37 -0.53 13.21
N SER B 10 -27.59 -0.68 13.73
CA SER B 10 -28.27 0.45 14.35
C SER B 10 -29.30 -0.06 15.34
N LEU B 11 -29.69 0.81 16.26
CA LEU B 11 -30.71 0.41 17.21
C LEU B 11 -31.43 1.64 17.72
N SER B 12 -32.61 1.38 18.29
CA SER B 12 -33.47 2.41 18.87
C SER B 12 -33.87 1.95 20.26
N ALA B 13 -33.79 2.84 21.23
CA ALA B 13 -34.18 2.51 22.59
C ALA B 13 -34.75 3.75 23.24
N SER B 14 -35.49 3.55 24.32
CA SER B 14 -36.07 4.66 25.08
C SER B 14 -35.08 5.15 26.13
N VAL B 15 -35.24 6.40 26.53
CA VAL B 15 -34.46 6.93 27.63
C VAL B 15 -34.64 6.03 28.84
N GLY B 16 -33.54 5.69 29.51
CA GLY B 16 -33.57 4.79 30.63
C GLY B 16 -33.46 3.32 30.29
N ASP B 17 -33.53 2.96 29.00
CA ASP B 17 -33.32 1.57 28.63
C ASP B 17 -31.86 1.18 28.76
N ARG B 18 -31.62 -0.10 29.00
CA ARG B 18 -30.27 -0.64 28.99
C ARG B 18 -29.94 -1.07 27.57
N VAL B 19 -28.81 -0.62 27.06
CA VAL B 19 -28.39 -0.88 25.69
C VAL B 19 -27.08 -1.65 25.72
N THR B 20 -27.01 -2.74 24.96
CA THR B 20 -25.79 -3.53 24.84
C THR B 20 -25.51 -3.77 23.36
N ILE B 21 -24.29 -3.45 22.94
CA ILE B 21 -23.87 -3.69 21.57
C ILE B 21 -22.60 -4.54 21.61
N THR B 22 -22.33 -5.24 20.50
CA THR B 22 -21.25 -6.22 20.47
C THR B 22 -20.23 -5.89 19.39
N CYS B 23 -19.03 -6.43 19.58
CA CYS B 23 -17.91 -6.24 18.68
C CYS B 23 -17.20 -7.58 18.56
N GLN B 24 -16.80 -7.95 17.35
CA GLN B 24 -16.12 -9.22 17.15
C GLN B 24 -14.83 -8.97 16.40
N ALA B 25 -13.78 -9.67 16.77
CA ALA B 25 -12.50 -9.62 16.07
C ALA B 25 -12.25 -10.95 15.37
N SER B 26 -11.60 -10.88 14.21
CA SER B 26 -11.38 -12.07 13.41
C SER B 26 -10.32 -12.98 14.01
N GLN B 27 -9.53 -12.49 14.95
CA GLN B 27 -8.61 -13.32 15.70
C GLN B 27 -8.58 -12.84 17.15
N ASP B 28 -7.97 -13.64 18.01
CA ASP B 28 -7.89 -13.33 19.43
C ASP B 28 -7.04 -12.08 19.63
N ILE B 29 -7.62 -11.03 20.20
CA ILE B 29 -6.87 -9.81 20.46
C ILE B 29 -6.85 -9.50 21.96
N SER B 30 -7.00 -10.53 22.79
CA SER B 30 -6.94 -10.39 24.26
C SER B 30 -7.93 -9.30 24.69
N ASN B 31 -7.50 -8.29 25.45
CA ASN B 31 -8.35 -7.16 25.82
C ASN B 31 -7.89 -5.86 25.15
N TYR B 32 -7.25 -5.98 23.98
CA TYR B 32 -6.69 -4.84 23.27
C TYR B 32 -7.77 -4.20 22.40
N LEU B 33 -8.85 -3.77 23.07
CA LEU B 33 -10.01 -3.17 22.35
C LEU B 33 -10.51 -1.95 23.12
N ASN B 34 -10.83 -0.89 22.38
CA ASN B 34 -11.34 0.37 22.90
C ASN B 34 -12.72 0.69 22.30
N TRP B 35 -13.45 1.59 22.96
CA TRP B 35 -14.76 2.01 22.48
C TRP B 35 -14.83 3.53 22.39
N TYR B 36 -15.35 4.02 21.28
CA TYR B 36 -15.47 5.45 21.03
C TYR B 36 -16.92 5.81 20.74
N GLN B 37 -17.27 7.02 21.11
CA GLN B 37 -18.56 7.64 20.80
C GLN B 37 -18.35 8.81 19.85
N GLN B 38 -19.10 8.85 18.74
CA GLN B 38 -19.03 9.98 17.83
C GLN B 38 -20.42 10.55 17.59
N LYS B 39 -20.63 11.73 18.14
CA LYS B 39 -21.87 12.49 17.94
C LYS B 39 -21.82 13.10 16.54
N SER B 40 -22.99 13.45 15.99
CA SER B 40 -23.09 14.10 14.66
C SER B 40 -22.35 15.43 14.71
N GLY B 41 -21.43 15.66 13.80
CA GLY B 41 -20.71 16.95 13.84
C GLY B 41 -19.60 17.04 14.88
N LYS B 42 -19.08 15.92 15.38
CA LYS B 42 -18.03 16.00 16.37
C LYS B 42 -16.95 14.96 16.08
N ALA B 43 -15.78 15.20 16.66
CA ALA B 43 -14.76 14.19 16.68
C ALA B 43 -15.23 13.02 17.55
N PRO B 44 -14.76 11.81 17.29
CA PRO B 44 -15.01 10.71 18.23
C PRO B 44 -14.46 11.03 19.61
N LYS B 45 -14.98 10.33 20.61
CA LYS B 45 -14.59 10.48 22.00
C LYS B 45 -14.34 9.11 22.60
N LEU B 46 -13.18 8.93 23.22
CA LEU B 46 -12.88 7.67 23.90
C LEU B 46 -13.74 7.52 25.14
N LEU B 47 -14.34 6.35 25.31
CA LEU B 47 -15.17 6.02 26.47
C LEU B 47 -14.59 4.90 27.28
N ILE B 48 -14.11 3.83 26.63
CA ILE B 48 -13.60 2.64 27.28
C ILE B 48 -12.28 2.29 26.60
N TYR B 49 -11.26 2.00 27.41
CA TYR B 49 -9.99 1.55 26.86
C TYR B 49 -9.62 0.23 27.52
N ASP B 50 -8.90 -0.60 26.77
CA ASP B 50 -8.56 -1.96 27.18
C ASP B 50 -9.78 -2.74 27.63
N ALA B 51 -10.82 -2.74 26.78
CA ALA B 51 -12.01 -3.58 26.92
C ALA B 51 -12.93 -3.15 28.06
N SER B 52 -12.39 -2.70 29.20
CA SER B 52 -13.23 -2.50 30.38
C SER B 52 -12.90 -1.27 31.23
N ASN B 53 -11.93 -0.45 30.86
CA ASN B 53 -11.54 0.66 31.72
C ASN B 53 -12.27 1.93 31.32
N LEU B 54 -12.97 2.53 32.27
CA LEU B 54 -13.72 3.75 32.00
C LEU B 54 -12.77 4.93 31.91
N GLU B 55 -12.82 5.66 30.80
CA GLU B 55 -11.98 6.86 30.69
C GLU B 55 -12.42 7.89 31.74
N THR B 56 -11.45 8.64 32.22
CA THR B 56 -11.69 9.67 33.25
C THR B 56 -12.67 10.72 32.75
N GLY B 57 -13.67 11.02 33.58
CA GLY B 57 -14.65 12.03 33.22
C GLY B 57 -15.79 11.51 32.38
N VAL B 58 -15.81 10.22 32.07
CA VAL B 58 -16.85 9.58 31.27
C VAL B 58 -17.92 9.06 32.22
N PRO B 59 -19.20 9.33 31.96
CA PRO B 59 -20.26 8.90 32.89
C PRO B 59 -20.25 7.40 33.12
N SER B 60 -20.59 7.00 34.35
CA SER B 60 -20.46 5.59 34.72
C SER B 60 -21.58 4.70 34.18
N ARG B 61 -22.60 5.25 33.53
CA ARG B 61 -23.55 4.37 32.85
C ARG B 61 -22.92 3.61 31.68
N PHE B 62 -21.75 4.01 31.22
CA PHE B 62 -21.05 3.28 30.15
C PHE B 62 -20.11 2.22 30.72
N SER B 63 -20.02 1.10 30.03
CA SER B 63 -19.12 0.04 30.48
C SER B 63 -18.78 -0.85 29.30
N GLY B 64 -17.70 -1.60 29.43
CA GLY B 64 -17.32 -2.56 28.41
C GLY B 64 -16.79 -3.81 29.06
N SER B 65 -16.89 -4.92 28.34
CA SER B 65 -16.47 -6.21 28.87
C SER B 65 -16.13 -7.12 27.71
N GLY B 66 -15.52 -8.26 28.04
CA GLY B 66 -15.14 -9.23 27.04
C GLY B 66 -13.63 -9.29 26.86
N SER B 67 -13.21 -10.29 26.08
CA SER B 67 -11.80 -10.48 25.74
C SER B 67 -11.72 -11.60 24.72
N GLY B 68 -10.60 -11.68 24.05
CA GLY B 68 -10.47 -12.71 23.00
C GLY B 68 -10.98 -12.19 21.65
N THR B 69 -12.12 -12.73 21.20
CA THR B 69 -12.71 -12.33 19.94
C THR B 69 -14.07 -11.67 20.07
N ASP B 70 -14.66 -11.63 21.27
CA ASP B 70 -15.99 -11.05 21.50
C ASP B 70 -15.97 -10.03 22.63
N PHE B 71 -16.57 -8.87 22.38
CA PHE B 71 -16.59 -7.76 23.33
C PHE B 71 -17.99 -7.18 23.36
N THR B 72 -18.32 -6.52 24.47
CA THR B 72 -19.62 -5.86 24.62
C THR B 72 -19.40 -4.47 25.18
N PHE B 73 -20.26 -3.55 24.77
CA PHE B 73 -20.33 -2.18 25.29
C PHE B 73 -21.76 -1.94 25.71
N THR B 74 -21.93 -1.38 26.89
CA THR B 74 -23.24 -1.30 27.53
C THR B 74 -23.48 0.11 28.04
N ILE B 75 -24.62 0.67 27.69
CA ILE B 75 -25.14 1.87 28.36
C ILE B 75 -26.22 1.37 29.31
N SER B 76 -25.98 1.53 30.62
CA SER B 76 -26.89 0.92 31.59
C SER B 76 -28.23 1.65 31.63
N SER B 77 -28.27 2.93 31.26
CA SER B 77 -29.50 3.73 31.33
C SER B 77 -29.40 4.83 30.26
N LEU B 78 -29.95 4.56 29.08
CA LEU B 78 -29.75 5.42 27.91
C LEU B 78 -30.26 6.85 28.14
N GLN B 79 -29.41 7.83 27.88
CA GLN B 79 -29.77 9.23 28.08
C GLN B 79 -29.94 9.96 26.74
N PRO B 80 -30.72 11.05 26.70
CA PRO B 80 -30.96 11.74 25.43
C PRO B 80 -29.68 12.15 24.70
N GLU B 81 -28.66 12.54 25.43
CA GLU B 81 -27.43 13.01 24.79
C GLU B 81 -26.59 11.85 24.25
N ASP B 82 -27.01 10.61 24.46
CA ASP B 82 -26.26 9.40 24.05
C ASP B 82 -26.44 9.04 22.56
N ILE B 83 -27.27 9.76 21.82
CA ILE B 83 -27.44 9.48 20.37
C ILE B 83 -26.09 9.77 19.70
N ALA B 84 -25.57 8.75 19.03
CA ALA B 84 -24.23 8.77 18.39
C ALA B 84 -23.98 7.45 17.70
N THR B 85 -22.85 7.39 17.02
CA THR B 85 -22.32 6.12 16.49
C THR B 85 -21.20 5.68 17.45
N TYR B 86 -21.24 4.41 17.83
CA TYR B 86 -20.24 3.82 18.73
C TYR B 86 -19.34 2.89 17.94
N TYR B 87 -18.03 3.05 18.12
CA TYR B 87 -17.03 2.30 17.38
C TYR B 87 -16.18 1.49 18.34
N CYS B 88 -15.95 0.22 18.02
CA CYS B 88 -14.85 -0.44 18.71
C CYS B 88 -13.56 -0.22 17.92
N GLN B 89 -12.45 -0.47 18.58
CA GLN B 89 -11.14 -0.22 17.95
C GLN B 89 -10.12 -1.18 18.54
N GLN B 90 -9.63 -2.08 17.72
CA GLN B 90 -8.55 -2.96 18.09
C GLN B 90 -7.23 -2.20 17.98
N TYR B 91 -6.23 -2.66 18.74
CA TYR B 91 -4.88 -2.10 18.60
C TYR B 91 -3.83 -3.18 18.85
N ASP B 92 -2.65 -2.95 18.30
CA ASP B 92 -1.49 -3.77 18.60
C ASP B 92 -0.27 -2.84 18.65
N SER B 93 0.92 -3.45 18.63
CA SER B 93 2.16 -2.70 18.74
C SER B 93 2.45 -1.83 17.54
N LEU B 94 1.75 -2.00 16.42
CA LEU B 94 2.01 -1.21 15.22
C LEU B 94 0.93 -0.19 14.93
N GLY B 95 -0.34 -0.55 15.12
CA GLY B 95 -1.43 0.33 14.76
C GLY B 95 -2.80 -0.05 15.29
N PHE B 96 -3.83 0.32 14.54
CA PHE B 96 -5.22 0.25 14.98
C PHE B 96 -6.11 -0.26 13.85
N THR B 97 -7.28 -0.78 14.24
CA THR B 97 -8.34 -1.11 13.30
C THR B 97 -9.69 -0.78 13.94
N PHE B 98 -10.45 0.13 13.32
CA PHE B 98 -11.78 0.46 13.83
C PHE B 98 -12.81 -0.56 13.36
N GLY B 99 -13.78 -0.84 14.22
CA GLY B 99 -15.00 -1.53 13.83
C GLY B 99 -15.86 -0.63 12.97
N PRO B 100 -16.93 -1.18 12.38
CA PRO B 100 -17.73 -0.39 11.42
C PRO B 100 -18.74 0.56 12.05
N GLY B 101 -18.98 0.50 13.35
CA GLY B 101 -19.85 1.46 13.99
C GLY B 101 -21.24 0.88 14.22
N THR B 102 -21.84 1.29 15.35
CA THR B 102 -23.24 1.00 15.68
C THR B 102 -23.92 2.33 15.96
N LYS B 103 -24.96 2.66 15.19
CA LYS B 103 -25.69 3.92 15.35
C LYS B 103 -26.82 3.74 16.35
N VAL B 104 -26.84 4.58 17.38
CA VAL B 104 -27.81 4.50 18.47
C VAL B 104 -28.77 5.68 18.36
N GLU B 105 -30.07 5.39 18.31
CA GLU B 105 -31.14 6.38 18.23
C GLU B 105 -32.07 6.20 19.43
N ILE B 106 -32.84 7.24 19.73
CA ILE B 106 -33.70 7.22 20.90
C ILE B 106 -35.16 7.19 20.47
N ARG B 107 -35.93 6.33 21.16
CA ARG B 107 -37.37 6.22 21.04
C ARG B 107 -38.04 7.11 22.07
N ARG B 108 -39.05 7.86 21.64
CA ARG B 108 -39.80 8.70 22.57
C ARG B 108 -41.28 8.72 22.18
N THR B 109 -42.08 9.41 22.97
CA THR B 109 -43.51 9.47 22.67
C THR B 109 -43.71 10.26 21.37
N VAL B 110 -44.70 9.83 20.59
CA VAL B 110 -45.02 10.51 19.34
C VAL B 110 -45.29 11.97 19.61
N ALA B 111 -44.75 12.84 18.75
CA ALA B 111 -45.00 14.27 18.85
C ALA B 111 -45.23 14.81 17.44
N ALA B 112 -46.38 15.47 17.25
CA ALA B 112 -46.70 16.03 15.96
C ALA B 112 -45.81 17.24 15.66
N PRO B 113 -45.47 17.45 14.39
CA PRO B 113 -44.71 18.66 14.02
C PRO B 113 -45.57 19.91 14.12
N SER B 114 -44.92 21.02 14.42
CA SER B 114 -45.50 22.33 14.22
C SER B 114 -44.97 22.86 12.88
N VAL B 115 -45.89 23.30 12.01
CA VAL B 115 -45.57 23.58 10.62
C VAL B 115 -45.55 25.08 10.39
N PHE B 116 -44.59 25.54 9.58
CA PHE B 116 -44.49 26.94 9.18
C PHE B 116 -44.20 27.01 7.68
N ILE B 117 -44.73 28.05 7.02
CA ILE B 117 -44.48 28.24 5.59
C ILE B 117 -43.90 29.64 5.38
N PHE B 118 -42.96 29.76 4.45
CA PHE B 118 -42.29 31.02 4.18
C PHE B 118 -42.34 31.33 2.70
N PRO B 119 -42.88 32.48 2.28
CA PRO B 119 -42.83 32.86 0.86
C PRO B 119 -41.41 33.19 0.45
N PRO B 120 -41.13 33.26 -0.84
CA PRO B 120 -39.82 33.73 -1.26
C PRO B 120 -39.66 35.19 -0.89
N SER B 121 -38.41 35.59 -0.66
CA SER B 121 -38.15 37.00 -0.38
C SER B 121 -38.13 37.80 -1.68
N ASP B 122 -38.44 39.09 -1.55
CA ASP B 122 -38.36 39.96 -2.71
C ASP B 122 -36.93 40.02 -3.25
N GLU B 123 -35.94 40.01 -2.36
CA GLU B 123 -34.54 40.07 -2.79
C GLU B 123 -34.22 38.92 -3.73
N GLN B 124 -34.69 37.71 -3.40
CA GLN B 124 -34.42 36.57 -4.27
C GLN B 124 -35.23 36.65 -5.55
N LEU B 125 -36.48 37.11 -5.45
CA LEU B 125 -37.32 37.24 -6.65
C LEU B 125 -36.68 38.16 -7.67
N LYS B 126 -36.09 39.27 -7.22
CA LYS B 126 -35.40 40.19 -8.13
C LYS B 126 -34.31 39.49 -8.93
N SER B 127 -33.70 38.44 -8.36
CA SER B 127 -32.65 37.66 -9.01
C SER B 127 -33.18 36.57 -9.94
N GLY B 128 -34.50 36.41 -10.05
CA GLY B 128 -35.10 35.55 -11.06
C GLY B 128 -35.52 34.17 -10.61
N THR B 129 -35.41 33.85 -9.32
CA THR B 129 -35.73 32.53 -8.82
C THR B 129 -36.50 32.66 -7.52
N ALA B 130 -37.31 31.66 -7.22
CA ALA B 130 -38.17 31.68 -6.04
C ALA B 130 -38.03 30.39 -5.22
N SER B 131 -37.69 30.55 -3.96
CA SER B 131 -37.63 29.41 -3.02
C SER B 131 -38.78 29.56 -2.02
N VAL B 132 -39.65 28.58 -1.98
CA VAL B 132 -40.76 28.56 -1.00
C VAL B 132 -40.34 27.53 0.04
N VAL B 133 -40.41 27.88 1.31
CA VAL B 133 -39.88 26.94 2.34
C VAL B 133 -40.96 26.55 3.35
N CYS B 134 -41.04 25.25 3.60
CA CYS B 134 -41.95 24.67 4.59
C CYS B 134 -41.11 24.05 5.71
N LEU B 135 -41.40 24.42 6.95
CA LEU B 135 -40.67 23.94 8.12
C LEU B 135 -41.59 23.06 8.97
N LEU B 136 -41.13 21.86 9.28
CA LEU B 136 -41.80 20.96 10.22
C LEU B 136 -40.91 20.87 11.46
N ASN B 137 -41.37 21.43 12.57
CA ASN B 137 -40.51 21.63 13.72
C ASN B 137 -40.80 20.62 14.85
N ASN B 138 -39.73 20.00 15.36
CA ASN B 138 -39.73 19.26 16.64
C ASN B 138 -40.76 18.14 16.68
N PHE B 139 -40.59 17.17 15.79
CA PHE B 139 -41.53 16.07 15.74
C PHE B 139 -40.83 14.75 16.00
N TYR B 140 -41.63 13.73 16.30
CA TYR B 140 -41.12 12.39 16.46
C TYR B 140 -42.27 11.45 16.14
N PRO B 141 -42.03 10.37 15.38
CA PRO B 141 -40.76 9.91 14.80
C PRO B 141 -40.35 10.67 13.54
N ARG B 142 -39.25 10.22 12.92
N ARG B 142 -39.28 10.20 12.91
CA ARG B 142 -38.62 10.94 11.81
CA ARG B 142 -38.63 10.92 11.82
C ARG B 142 -39.45 10.92 10.54
C ARG B 142 -39.47 10.94 10.55
N GLU B 143 -40.32 9.93 10.36
CA GLU B 143 -41.09 9.79 9.13
C GLU B 143 -42.20 10.84 9.07
N ALA B 144 -42.14 11.70 8.05
CA ALA B 144 -43.15 12.72 7.83
C ALA B 144 -43.31 12.95 6.34
N LYS B 145 -44.52 13.25 5.91
CA LYS B 145 -44.80 13.49 4.50
C LYS B 145 -45.18 14.95 4.28
N VAL B 146 -44.52 15.58 3.32
CA VAL B 146 -44.83 16.94 2.92
C VAL B 146 -45.19 16.92 1.46
N GLN B 147 -46.32 17.52 1.13
CA GLN B 147 -46.82 17.60 -0.23
C GLN B 147 -47.01 19.08 -0.58
N TRP B 148 -46.35 19.53 -1.64
CA TRP B 148 -46.58 20.87 -2.13
C TRP B 148 -47.79 20.84 -3.06
N LYS B 149 -48.79 21.66 -2.77
CA LYS B 149 -49.94 21.86 -3.66
C LYS B 149 -49.97 23.34 -4.03
N VAL B 150 -49.88 23.63 -5.32
CA VAL B 150 -49.97 24.99 -5.82
C VAL B 150 -51.26 25.13 -6.62
N ASP B 151 -52.12 26.08 -6.21
CA ASP B 151 -53.51 26.15 -6.68
C ASP B 151 -54.14 24.77 -6.69
N ASN B 152 -53.92 23.99 -5.62
CA ASN B 152 -54.45 22.66 -5.43
C ASN B 152 -53.83 21.64 -6.39
N ALA B 153 -52.80 22.02 -7.14
CA ALA B 153 -52.10 21.08 -8.00
C ALA B 153 -50.91 20.50 -7.22
N LEU B 154 -50.93 19.19 -7.03
CA LEU B 154 -49.81 18.51 -6.38
C LEU B 154 -48.55 18.64 -7.24
N GLN B 155 -47.46 19.08 -6.62
CA GLN B 155 -46.16 19.27 -7.26
C GLN B 155 -45.35 17.99 -7.22
N SER B 156 -44.37 17.91 -8.12
CA SER B 156 -43.51 16.74 -8.14
C SER B 156 -42.17 17.08 -8.78
N GLY B 157 -41.09 16.61 -8.15
CA GLY B 157 -39.77 16.74 -8.70
C GLY B 157 -39.18 18.13 -8.65
N ASN B 158 -39.83 19.08 -7.98
CA ASN B 158 -39.32 20.43 -7.87
C ASN B 158 -39.06 20.83 -6.41
N SER B 159 -38.89 19.87 -5.51
CA SER B 159 -38.64 20.18 -4.11
C SER B 159 -37.57 19.24 -3.54
N GLN B 160 -36.81 19.74 -2.55
CA GLN B 160 -35.86 18.93 -1.80
C GLN B 160 -36.08 19.11 -0.31
N GLU B 161 -35.84 18.03 0.43
CA GLU B 161 -36.00 17.99 1.87
C GLU B 161 -34.66 17.85 2.56
N SER B 162 -34.65 18.30 3.81
CA SER B 162 -33.51 18.14 4.70
C SER B 162 -34.06 17.90 6.08
N VAL B 163 -33.45 16.97 6.82
CA VAL B 163 -33.87 16.57 8.16
C VAL B 163 -32.71 16.77 9.12
N THR B 164 -32.99 17.35 10.30
CA THR B 164 -31.91 17.49 11.28
C THR B 164 -31.55 16.13 11.88
N GLU B 165 -30.38 16.08 12.51
CA GLU B 165 -30.11 14.95 13.39
C GLU B 165 -31.01 15.04 14.61
N GLN B 166 -31.29 13.90 15.23
CA GLN B 166 -32.13 13.88 16.43
C GLN B 166 -31.61 14.86 17.47
N ASP B 167 -32.51 15.61 18.09
CA ASP B 167 -32.11 16.60 19.09
C ASP B 167 -31.57 15.91 20.33
N SER B 168 -30.44 16.41 20.84
CA SER B 168 -29.76 15.76 21.95
C SER B 168 -30.46 15.97 23.28
N LYS B 169 -31.49 16.81 23.33
CA LYS B 169 -32.20 17.09 24.57
C LYS B 169 -33.62 16.53 24.57
N ASP B 170 -34.41 16.79 23.53
CA ASP B 170 -35.80 16.35 23.51
C ASP B 170 -36.05 15.20 22.54
N SER B 171 -35.02 14.74 21.83
CA SER B 171 -35.07 13.57 20.94
C SER B 171 -36.01 13.75 19.75
N THR B 172 -36.35 14.98 19.37
CA THR B 172 -37.18 15.21 18.18
C THR B 172 -36.32 15.51 16.95
N TYR B 173 -37.01 15.59 15.81
CA TYR B 173 -36.44 15.98 14.53
C TYR B 173 -37.14 17.23 14.02
N SER B 174 -36.46 17.93 13.12
CA SER B 174 -37.08 18.99 12.33
C SER B 174 -36.77 18.77 10.85
N LEU B 175 -37.61 19.34 9.98
CA LEU B 175 -37.49 19.09 8.56
C LEU B 175 -37.85 20.35 7.79
N SER B 176 -37.04 20.70 6.80
CA SER B 176 -37.36 21.78 5.88
C SER B 176 -37.54 21.21 4.49
N SER B 177 -38.57 21.69 3.80
CA SER B 177 -38.83 21.35 2.40
C SER B 177 -38.80 22.63 1.58
N THR B 178 -38.03 22.63 0.49
CA THR B 178 -37.84 23.81 -0.35
C THR B 178 -38.37 23.55 -1.76
N LEU B 179 -39.39 24.31 -2.15
CA LEU B 179 -39.91 24.29 -3.51
C LEU B 179 -39.21 25.39 -4.32
N THR B 180 -38.47 24.98 -5.35
CA THR B 180 -37.73 25.93 -6.18
C THR B 180 -38.49 26.11 -7.49
N LEU B 181 -38.76 27.36 -7.83
CA LEU B 181 -39.49 27.73 -9.04
C LEU B 181 -38.83 28.96 -9.64
N SER B 182 -38.80 29.02 -10.97
CA SER B 182 -38.42 30.26 -11.62
C SER B 182 -39.42 31.34 -11.26
N LYS B 183 -38.98 32.59 -11.37
CA LYS B 183 -39.83 33.72 -11.03
C LYS B 183 -41.12 33.71 -11.86
N ALA B 184 -41.00 33.45 -13.17
CA ALA B 184 -42.17 33.36 -14.04
C ALA B 184 -43.10 32.24 -13.59
N ASP B 185 -42.56 31.06 -13.30
CA ASP B 185 -43.39 29.96 -12.82
C ASP B 185 -44.07 30.32 -11.50
N TYR B 186 -43.36 31.03 -10.62
CA TYR B 186 -43.93 31.41 -9.34
C TYR B 186 -45.15 32.31 -9.53
N GLU B 187 -45.07 33.20 -10.51
CA GLU B 187 -46.16 34.14 -10.80
C GLU B 187 -47.33 33.48 -11.53
N LYS B 188 -47.16 32.28 -12.05
CA LYS B 188 -48.29 31.63 -12.69
C LYS B 188 -49.40 31.23 -11.70
N HIS B 189 -49.13 31.15 -10.40
CA HIS B 189 -50.08 30.62 -9.43
C HIS B 189 -50.27 31.62 -8.30
N LYS B 190 -51.26 31.35 -7.45
CA LYS B 190 -51.62 32.25 -6.33
C LYS B 190 -51.48 31.57 -4.96
N VAL B 191 -52.06 30.40 -4.80
CA VAL B 191 -52.11 29.64 -3.52
C VAL B 191 -50.96 28.63 -3.43
N TYR B 192 -50.02 28.93 -2.56
CA TYR B 192 -48.88 28.03 -2.25
C TYR B 192 -49.15 27.38 -0.90
N ALA B 193 -49.28 26.05 -0.87
CA ALA B 193 -49.59 25.36 0.40
C ALA B 193 -48.73 24.11 0.59
N CYS B 194 -48.37 23.83 1.85
CA CYS B 194 -47.57 22.64 2.25
C CYS B 194 -48.46 21.79 3.17
N GLU B 195 -48.79 20.59 2.72
CA GLU B 195 -49.70 19.66 3.44
C GLU B 195 -48.86 18.59 4.14
N VAL B 196 -49.05 18.46 5.45
CA VAL B 196 -48.17 17.63 6.27
C VAL B 196 -48.96 16.50 6.89
N THR B 197 -48.45 15.27 6.74
CA THR B 197 -48.96 14.11 7.44
C THR B 197 -47.86 13.51 8.31
N HIS B 198 -48.24 13.01 9.48
CA HIS B 198 -47.28 12.49 10.43
C HIS B 198 -48.04 11.63 11.43
N GLN B 199 -47.35 10.65 12.01
CA GLN B 199 -48.02 9.70 12.91
C GLN B 199 -48.74 10.42 14.04
N GLY B 200 -48.25 11.59 14.45
CA GLY B 200 -48.91 12.36 15.48
C GLY B 200 -50.04 13.25 15.00
N LEU B 201 -50.32 13.26 13.70
CA LEU B 201 -51.41 14.05 13.13
C LEU B 201 -52.54 13.12 12.73
N SER B 202 -53.68 13.24 13.40
CA SER B 202 -54.84 12.43 13.01
C SER B 202 -55.35 12.82 11.64
N SER B 203 -55.28 14.11 11.29
CA SER B 203 -55.66 14.62 9.98
C SER B 203 -54.54 15.51 9.44
N PRO B 204 -54.39 15.57 8.12
CA PRO B 204 -53.32 16.38 7.53
C PRO B 204 -53.43 17.84 7.96
N VAL B 205 -52.27 18.47 8.05
CA VAL B 205 -52.14 19.87 8.43
C VAL B 205 -51.62 20.63 7.21
N THR B 206 -52.23 21.78 6.91
CA THR B 206 -51.83 22.56 5.75
C THR B 206 -51.51 23.98 6.20
N LYS B 207 -50.39 24.49 5.67
CA LYS B 207 -49.90 25.89 5.87
C LYS B 207 -49.81 26.50 4.47
N SER B 208 -50.35 27.71 4.27
CA SER B 208 -50.35 28.29 2.94
C SER B 208 -50.29 29.81 3.02
N PHE B 209 -49.94 30.41 1.90
CA PHE B 209 -50.00 31.86 1.73
C PHE B 209 -50.47 32.14 0.31
N ASN B 210 -50.89 33.38 0.09
CA ASN B 210 -51.29 33.89 -1.22
C ASN B 210 -50.19 34.78 -1.77
N ARG B 211 -49.70 34.47 -2.96
CA ARG B 211 -48.63 35.27 -3.60
C ARG B 211 -49.06 36.73 -3.55
N GLY B 212 -48.23 37.61 -2.98
CA GLY B 212 -48.59 39.02 -2.72
C GLY B 212 -49.44 39.08 -1.46
N GLU B 213 -48.83 39.40 -0.31
CA GLU B 213 -49.36 39.42 1.10
C GLU B 213 -50.86 39.12 1.19
N ASN C 2 12.76 -25.94 11.20
CA ASN C 2 13.28 -25.45 12.48
C ASN C 2 12.93 -23.98 12.71
N LEU C 3 12.04 -23.76 13.68
CA LEU C 3 11.61 -22.42 14.05
C LEU C 3 12.73 -21.71 14.81
N CYS C 4 12.97 -20.44 14.48
CA CYS C 4 14.01 -19.67 15.16
C CYS C 4 13.67 -19.47 16.63
N PRO C 5 14.66 -19.54 17.52
CA PRO C 5 14.41 -19.51 18.98
C PRO C 5 14.19 -18.11 19.53
N PHE C 6 13.18 -17.42 19.00
CA PHE C 6 12.92 -16.06 19.49
C PHE C 6 12.35 -16.08 20.91
N GLY C 7 11.61 -17.13 21.25
CA GLY C 7 11.05 -17.21 22.60
C GLY C 7 12.12 -17.22 23.67
N GLU C 8 13.26 -17.87 23.40
CA GLU C 8 14.29 -17.88 24.43
C GLU C 8 15.03 -16.55 24.50
N VAL C 9 15.09 -15.79 23.40
CA VAL C 9 15.58 -14.41 23.50
C VAL C 9 14.58 -13.54 24.25
N PHE C 10 13.33 -13.50 23.76
CA PHE C 10 12.33 -12.59 24.31
C PHE C 10 11.83 -13.02 25.68
N ASN C 11 11.75 -14.31 25.95
CA ASN C 11 11.19 -14.78 27.22
C ASN C 11 12.25 -15.32 28.17
N ALA C 12 13.52 -15.00 27.93
CA ALA C 12 14.59 -15.34 28.87
C ALA C 12 14.25 -14.82 30.27
N THR C 13 14.45 -15.66 31.28
CA THR C 13 14.13 -15.27 32.65
C THR C 13 15.00 -14.11 33.12
N ARG C 14 16.30 -14.14 32.80
CA ARG C 14 17.23 -13.07 33.13
C ARG C 14 17.70 -12.35 31.87
N PHE C 15 17.84 -11.04 31.99
CA PHE C 15 18.37 -10.19 30.93
C PHE C 15 19.67 -9.56 31.41
N ALA C 16 20.54 -9.24 30.46
CA ALA C 16 21.82 -8.68 30.83
C ALA C 16 21.69 -7.20 31.20
N SER C 17 22.64 -6.74 31.99
CA SER C 17 22.84 -5.31 32.16
C SER C 17 23.30 -4.70 30.84
N VAL C 18 22.90 -3.46 30.58
CA VAL C 18 23.12 -2.88 29.25
C VAL C 18 24.61 -2.72 28.96
N TYR C 19 25.42 -2.40 29.98
CA TYR C 19 26.86 -2.27 29.72
C TYR C 19 27.46 -3.61 29.28
N ALA C 20 26.90 -4.73 29.75
CA ALA C 20 27.34 -6.06 29.35
C ALA C 20 26.28 -6.71 28.45
N TRP C 21 25.83 -5.99 27.44
CA TRP C 21 24.68 -6.43 26.67
C TRP C 21 24.92 -7.81 26.04
N ASN C 22 23.88 -8.63 26.04
CA ASN C 22 23.96 -9.98 25.51
C ASN C 22 23.71 -9.98 24.01
N ARG C 23 24.38 -10.90 23.29
CA ARG C 23 24.14 -11.10 21.87
C ARG C 23 24.01 -12.59 21.58
N LYS C 24 23.00 -12.95 20.79
CA LYS C 24 22.85 -14.30 20.30
C LYS C 24 22.72 -14.29 18.79
N ARG C 25 23.45 -15.19 18.13
CA ARG C 25 23.32 -15.38 16.69
C ARG C 25 22.10 -16.24 16.36
N ILE C 26 21.32 -15.82 15.38
CA ILE C 26 20.20 -16.59 14.84
C ILE C 26 20.62 -17.12 13.47
N SER C 27 20.57 -18.44 13.30
CA SER C 27 21.01 -19.07 12.06
C SER C 27 20.17 -20.30 11.74
N ASN C 28 20.19 -20.67 10.46
CA ASN C 28 19.63 -21.91 9.93
C ASN C 28 18.28 -22.24 10.54
N CYS C 29 17.30 -21.38 10.25
CA CYS C 29 15.98 -21.52 10.84
C CYS C 29 15.00 -20.63 10.09
N VAL C 30 13.72 -20.88 10.32
CA VAL C 30 12.64 -20.12 9.74
C VAL C 30 12.04 -19.26 10.84
N ALA C 31 11.64 -18.04 10.49
CA ALA C 31 11.20 -17.09 11.50
C ALA C 31 9.81 -16.58 11.19
N ASP C 32 8.92 -16.67 12.18
CA ASP C 32 7.59 -16.09 12.12
C ASP C 32 7.59 -14.85 13.01
N TYR C 33 7.76 -13.67 12.40
CA TYR C 33 7.75 -12.42 13.15
C TYR C 33 6.35 -11.96 13.52
N SER C 34 5.31 -12.53 12.90
CA SER C 34 3.94 -12.13 13.19
C SER C 34 3.63 -12.26 14.67
N VAL C 35 4.16 -13.29 15.33
CA VAL C 35 3.97 -13.44 16.77
C VAL C 35 4.44 -12.20 17.52
N LEU C 36 5.45 -11.50 17.00
CA LEU C 36 5.87 -10.24 17.61
C LEU C 36 4.84 -9.13 17.34
N TYR C 37 4.60 -8.81 16.08
CA TYR C 37 3.81 -7.61 15.83
C TYR C 37 2.32 -7.83 16.04
N ASN C 38 1.83 -9.08 16.12
CA ASN C 38 0.42 -9.28 16.44
C ASN C 38 0.12 -8.98 17.91
N SER C 39 1.11 -9.03 18.79
CA SER C 39 0.84 -8.68 20.18
C SER C 39 0.85 -7.17 20.37
N ALA C 40 0.23 -6.74 21.46
CA ALA C 40 0.27 -5.36 21.93
C ALA C 40 1.06 -5.26 23.24
N SER C 41 2.01 -6.17 23.44
CA SER C 41 2.83 -6.12 24.65
C SER C 41 4.01 -5.15 24.55
N PHE C 42 4.36 -4.67 23.34
CA PHE C 42 5.57 -3.89 23.15
C PHE C 42 5.25 -2.40 23.11
N SER C 43 5.98 -1.63 23.90
CA SER C 43 5.86 -0.18 23.87
C SER C 43 6.70 0.45 22.77
N THR C 44 7.69 -0.27 22.25
CA THR C 44 8.48 0.16 21.10
C THR C 44 8.62 -1.00 20.14
N PHE C 45 8.38 -0.75 18.86
CA PHE C 45 8.57 -1.78 17.84
C PHE C 45 8.88 -1.06 16.53
N LYS C 46 10.17 -0.76 16.32
CA LYS C 46 10.59 0.05 15.18
C LYS C 46 11.62 -0.71 14.36
N CYS C 47 11.42 -0.72 13.03
CA CYS C 47 12.32 -1.39 12.12
C CYS C 47 12.97 -0.38 11.19
N TYR C 48 14.21 -0.65 10.83
CA TYR C 48 15.01 0.27 10.03
C TYR C 48 15.53 -0.48 8.82
N GLY C 49 15.32 0.09 7.62
CA GLY C 49 15.64 -0.53 6.35
C GLY C 49 14.63 -1.56 5.86
N VAL C 50 13.62 -1.88 6.67
CA VAL C 50 12.58 -2.84 6.33
C VAL C 50 11.29 -2.39 7.02
N SER C 51 10.17 -2.85 6.48
CA SER C 51 8.88 -2.65 7.15
C SER C 51 8.53 -3.88 7.99
N PRO C 52 8.01 -3.69 9.21
CA PRO C 52 7.76 -4.85 10.08
C PRO C 52 6.77 -5.86 9.51
N THR C 53 5.80 -5.39 8.75
CA THR C 53 4.83 -6.37 8.20
C THR C 53 5.38 -7.06 6.95
N LYS C 54 6.56 -6.71 6.49
CA LYS C 54 7.14 -7.33 5.28
C LYS C 54 8.30 -8.23 5.68
N LEU C 55 8.49 -8.47 6.97
CA LEU C 55 9.64 -9.27 7.49
C LEU C 55 9.52 -10.73 7.06
N ASN C 56 8.33 -11.32 7.13
CA ASN C 56 8.14 -12.72 6.76
C ASN C 56 8.43 -13.00 5.30
N ASP C 57 8.45 -11.97 4.46
CA ASP C 57 8.70 -12.16 3.04
C ASP C 57 10.18 -12.09 2.69
N LEU C 58 11.06 -12.02 3.67
CA LEU C 58 12.47 -11.81 3.39
C LEU C 58 13.32 -12.98 3.87
N CYS C 59 14.54 -13.01 3.34
CA CYS C 59 15.59 -13.87 3.83
C CYS C 59 16.76 -12.99 4.25
N PHE C 60 17.44 -13.38 5.34
CA PHE C 60 18.45 -12.56 5.97
C PHE C 60 19.77 -13.32 6.11
N THR C 61 20.85 -12.54 6.12
CA THR C 61 22.20 -13.02 6.37
C THR C 61 22.70 -12.44 7.70
N ASN C 62 23.31 -13.29 8.53
CA ASN C 62 23.92 -12.88 9.79
C ASN C 62 22.94 -12.18 10.73
N VAL C 63 21.90 -12.89 11.11
CA VAL C 63 20.94 -12.35 12.07
C VAL C 63 21.54 -12.41 13.46
N TYR C 64 21.33 -11.33 14.23
CA TYR C 64 21.79 -11.19 15.60
C TYR C 64 20.66 -10.63 16.45
N ALA C 65 20.58 -11.08 17.70
CA ALA C 65 19.60 -10.59 18.67
C ALA C 65 20.35 -10.15 19.93
N ASP C 66 20.41 -8.84 20.15
CA ASP C 66 20.99 -8.27 21.35
C ASP C 66 19.87 -7.95 22.33
N SER C 67 20.11 -8.19 23.62
CA SER C 67 19.10 -7.92 24.65
C SER C 67 19.75 -7.40 25.93
N PHE C 68 18.99 -6.58 26.65
CA PHE C 68 19.46 -5.92 27.87
C PHE C 68 18.27 -5.20 28.49
N VAL C 69 18.51 -4.64 29.69
CA VAL C 69 17.57 -3.83 30.45
C VAL C 69 18.12 -2.40 30.57
N ILE C 70 17.26 -1.42 30.39
CA ILE C 70 17.55 -0.01 30.61
C ILE C 70 16.30 0.64 31.20
N ARG C 71 16.39 1.94 31.44
CA ARG C 71 15.24 2.70 31.93
C ARG C 71 14.30 3.03 30.79
N GLY C 72 13.02 3.17 31.13
CA GLY C 72 12.01 3.47 30.13
C GLY C 72 12.35 4.68 29.29
N ASP C 73 12.71 5.78 29.94
CA ASP C 73 12.96 7.02 29.24
C ASP C 73 14.32 7.04 28.55
N GLU C 74 15.02 5.89 28.51
CA GLU C 74 16.23 5.76 27.69
C GLU C 74 15.99 5.00 26.39
N VAL C 75 14.80 4.42 26.19
CA VAL C 75 14.61 3.53 25.05
C VAL C 75 14.82 4.24 23.72
N ARG C 76 14.51 5.53 23.65
CA ARG C 76 14.73 6.27 22.41
C ARG C 76 16.20 6.35 22.02
N GLN C 77 17.13 6.12 22.94
CA GLN C 77 18.53 6.08 22.57
C GLN C 77 18.89 4.82 21.80
N ILE C 78 18.07 3.78 21.89
CA ILE C 78 18.35 2.56 21.13
C ILE C 78 17.77 2.74 19.74
N ALA C 79 18.41 3.61 18.96
CA ALA C 79 18.01 3.95 17.60
C ALA C 79 19.24 4.50 16.89
N PRO C 80 19.24 4.50 15.55
CA PRO C 80 20.33 5.14 14.80
C PRO C 80 20.37 6.64 15.07
N GLY C 81 21.58 7.18 15.13
CA GLY C 81 21.77 8.62 15.25
C GLY C 81 21.38 9.24 16.57
N GLN C 82 21.48 8.50 17.67
CA GLN C 82 21.09 9.00 18.99
C GLN C 82 22.32 9.24 19.85
N THR C 83 22.16 10.11 20.85
CA THR C 83 23.16 10.29 21.90
C THR C 83 22.48 10.29 23.27
N GLY C 84 23.33 10.28 24.28
CA GLY C 84 22.94 10.12 25.66
C GLY C 84 23.79 9.05 26.32
N LYS C 85 23.62 8.96 27.64
CA LYS C 85 24.41 8.04 28.44
C LYS C 85 24.42 6.62 27.88
N ILE C 86 23.25 6.12 27.45
CA ILE C 86 23.20 4.75 26.92
C ILE C 86 23.84 4.68 25.54
N ALA C 87 23.42 5.55 24.60
CA ALA C 87 24.00 5.49 23.26
C ALA C 87 25.49 5.81 23.26
N ASP C 88 25.94 6.72 24.14
CA ASP C 88 27.35 7.11 24.15
C ASP C 88 28.23 6.07 24.83
N TYR C 89 27.81 5.54 26.00
CA TYR C 89 28.70 4.74 26.84
C TYR C 89 28.30 3.28 26.99
N ASN C 90 27.15 2.85 26.47
CA ASN C 90 26.67 1.52 26.82
C ASN C 90 26.33 0.63 25.64
N TYR C 91 25.47 1.10 24.74
CA TYR C 91 25.06 0.31 23.58
C TYR C 91 24.76 1.29 22.45
N LYS C 92 25.53 1.20 21.37
CA LYS C 92 25.50 2.18 20.28
C LYS C 92 25.09 1.51 18.97
N LEU C 93 23.99 2.00 18.36
CA LEU C 93 23.61 1.50 17.04
C LEU C 93 24.23 2.35 15.93
N PRO C 94 24.63 1.75 14.81
CA PRO C 94 25.17 2.54 13.69
C PRO C 94 24.09 3.36 13.00
N ASP C 95 24.51 4.45 12.36
CA ASP C 95 23.57 5.27 11.61
C ASP C 95 22.88 4.48 10.51
N ASP C 96 23.57 3.48 9.95
CA ASP C 96 23.04 2.68 8.84
C ASP C 96 22.43 1.37 9.33
N PHE C 97 21.96 1.34 10.58
CA PHE C 97 21.41 0.13 11.16
C PHE C 97 20.30 -0.45 10.30
N THR C 98 20.33 -1.78 10.14
CA THR C 98 19.25 -2.52 9.50
C THR C 98 18.76 -3.56 10.50
N GLY C 99 17.52 -3.42 10.95
CA GLY C 99 16.97 -4.35 11.92
C GLY C 99 15.79 -3.73 12.64
N CYS C 100 15.47 -4.30 13.80
CA CYS C 100 14.32 -3.88 14.57
C CYS C 100 14.69 -3.73 16.03
N VAL C 101 14.09 -2.72 16.67
CA VAL C 101 14.25 -2.48 18.10
C VAL C 101 12.90 -2.68 18.76
N ILE C 102 12.83 -3.60 19.70
CA ILE C 102 11.61 -3.98 20.39
C ILE C 102 11.82 -3.79 21.89
N ALA C 103 10.90 -3.10 22.55
CA ALA C 103 11.01 -2.87 23.97
C ALA C 103 9.65 -3.02 24.62
N TRP C 104 9.66 -3.35 25.91
CA TRP C 104 8.45 -3.49 26.70
C TRP C 104 8.76 -3.26 28.17
N ASN C 105 7.78 -2.72 28.89
CA ASN C 105 7.94 -2.45 30.32
C ASN C 105 8.06 -3.76 31.10
N SER C 106 9.09 -3.86 31.93
CA SER C 106 9.35 -5.09 32.69
C SER C 106 9.34 -4.83 34.20
N ASN C 107 8.58 -3.83 34.64
CA ASN C 107 8.45 -3.52 36.07
C ASN C 107 8.08 -4.76 36.89
N ASN C 108 7.12 -5.55 36.39
CA ASN C 108 6.66 -6.73 37.13
C ASN C 108 7.78 -7.74 37.39
N LEU C 109 8.77 -7.82 36.50
CA LEU C 109 9.81 -8.82 36.65
C LEU C 109 11.13 -8.26 37.17
N ASP C 110 11.36 -6.97 37.02
CA ASP C 110 12.68 -6.40 37.24
C ASP C 110 12.71 -5.36 38.33
N SER C 111 11.56 -5.13 38.95
CA SER C 111 11.48 -4.22 40.10
C SER C 111 11.43 -5.03 41.39
N LYS C 112 11.70 -4.40 42.52
CA LYS C 112 11.63 -5.13 43.81
C LYS C 112 11.28 -4.14 44.90
N VAL C 113 10.49 -4.57 45.88
CA VAL C 113 10.09 -3.71 47.03
C VAL C 113 11.30 -3.01 47.63
N GLY C 114 12.40 -3.70 47.85
CA GLY C 114 13.48 -2.90 48.39
C GLY C 114 14.20 -2.04 47.38
N GLY C 115 13.96 -2.29 46.10
CA GLY C 115 14.73 -1.65 45.06
C GLY C 115 15.61 -2.72 44.48
N ASN C 116 15.58 -2.89 43.17
CA ASN C 116 16.46 -3.82 42.48
C ASN C 116 17.64 -3.02 41.94
N TYR C 117 18.84 -3.36 42.44
CA TYR C 117 20.06 -2.65 42.08
C TYR C 117 21.01 -3.52 41.27
N ASN C 118 20.52 -4.68 40.83
CA ASN C 118 21.36 -5.66 40.08
C ASN C 118 21.65 -5.19 38.65
N TYR C 119 20.84 -4.30 38.09
CA TYR C 119 21.05 -3.84 36.72
C TYR C 119 21.97 -2.61 36.71
N LEU C 120 23.02 -2.68 35.91
CA LEU C 120 24.06 -1.67 35.87
C LEU C 120 24.15 -1.02 34.49
N TYR C 121 24.69 0.19 34.48
CA TYR C 121 25.02 0.90 33.25
C TYR C 121 26.34 1.60 33.49
N ARG C 122 27.06 1.88 32.39
CA ARG C 122 28.29 2.64 32.50
C ARG C 122 27.95 4.12 32.56
N LEU C 123 28.42 4.80 33.62
CA LEU C 123 28.13 6.21 33.85
C LEU C 123 29.21 7.14 33.31
N PHE C 124 30.46 6.67 33.23
CA PHE C 124 31.60 7.49 32.85
C PHE C 124 32.41 6.79 31.78
N ARG C 125 32.98 7.56 30.86
CA ARG C 125 33.85 6.98 29.86
C ARG C 125 34.64 8.09 29.18
N LYS C 126 35.84 7.76 28.73
CA LYS C 126 36.70 8.74 28.10
C LYS C 126 36.23 9.12 26.70
N SER C 127 35.60 8.18 25.99
CA SER C 127 35.10 8.47 24.66
C SER C 127 33.83 7.68 24.40
N ASN C 128 33.10 8.07 23.35
CA ASN C 128 31.88 7.38 22.99
C ASN C 128 32.21 6.01 22.40
N LEU C 129 31.31 5.06 22.62
CA LEU C 129 31.45 3.74 22.02
C LEU C 129 31.30 3.84 20.51
N LYS C 130 31.99 2.95 19.80
CA LYS C 130 31.72 2.70 18.40
C LYS C 130 30.46 1.85 18.26
N PRO C 131 29.82 1.85 17.09
CA PRO C 131 28.65 1.00 16.90
C PRO C 131 28.95 -0.46 17.24
N PHE C 132 28.03 -1.07 18.01
CA PHE C 132 28.11 -2.46 18.45
C PHE C 132 29.32 -2.74 19.34
N GLU C 133 30.03 -1.72 19.81
CA GLU C 133 31.12 -1.96 20.74
C GLU C 133 30.56 -2.29 22.14
N ARG C 134 31.29 -3.16 22.85
N ARG C 134 31.29 -3.16 22.85
CA ARG C 134 30.91 -3.63 24.18
CA ARG C 134 30.90 -3.61 24.19
C ARG C 134 32.06 -3.37 25.14
C ARG C 134 32.06 -3.33 25.13
N ASP C 135 31.80 -2.57 26.19
CA ASP C 135 32.85 -2.20 27.14
C ASP C 135 32.46 -2.70 28.52
N ILE C 136 33.20 -3.70 29.03
CA ILE C 136 32.98 -4.27 30.35
C ILE C 136 34.10 -3.92 31.33
N SER C 137 34.99 -3.00 30.97
CA SER C 137 36.09 -2.63 31.85
C SER C 137 35.58 -1.92 33.11
N THR C 138 36.39 -1.94 34.16
CA THR C 138 36.01 -1.30 35.42
C THR C 138 37.16 -0.48 36.00
N GLU C 139 37.93 0.20 35.15
CA GLU C 139 39.00 1.04 35.67
C GLU C 139 38.43 2.29 36.31
N ILE C 140 39.14 2.81 37.32
CA ILE C 140 38.68 4.02 37.98
C ILE C 140 38.74 5.18 37.01
N TYR C 141 37.65 5.97 36.96
CA TYR C 141 37.51 7.07 36.01
C TYR C 141 37.96 8.38 36.64
N GLN C 142 38.88 9.06 35.99
CA GLN C 142 39.35 10.36 36.49
C GLN C 142 38.40 11.43 35.99
N ALA C 143 37.50 11.88 36.85
CA ALA C 143 36.51 12.87 36.46
C ALA C 143 36.99 14.30 36.65
N GLY C 144 38.07 14.54 37.38
CA GLY C 144 38.52 15.89 37.63
C GLY C 144 40.00 16.13 37.42
N SER C 145 40.47 17.25 37.97
CA SER C 145 41.88 17.61 37.87
C SER C 145 42.80 16.70 38.68
N THR C 146 42.29 16.03 39.70
CA THR C 146 43.20 15.26 40.57
C THR C 146 43.47 13.88 39.97
N PRO C 147 44.73 13.46 39.91
CA PRO C 147 45.03 12.12 39.41
C PRO C 147 44.44 11.05 40.33
N CYS C 148 44.19 9.87 39.77
CA CYS C 148 43.59 8.79 40.52
C CYS C 148 44.55 7.65 40.84
N ASN C 149 45.52 7.41 39.97
CA ASN C 149 46.47 6.30 40.12
C ASN C 149 45.73 4.99 40.39
N GLY C 150 44.64 4.77 39.67
CA GLY C 150 43.88 3.53 39.83
C GLY C 150 43.29 3.34 41.22
N VAL C 151 43.02 4.43 41.93
CA VAL C 151 42.47 4.38 43.28
C VAL C 151 41.17 5.18 43.31
N GLU C 152 40.14 4.59 43.90
CA GLU C 152 38.88 5.31 44.09
C GLU C 152 39.06 6.39 45.13
N GLY C 153 38.42 7.53 44.92
CA GLY C 153 38.56 8.65 45.84
C GLY C 153 37.79 9.86 45.34
N PHE C 154 38.21 11.04 45.80
CA PHE C 154 37.56 12.27 45.36
C PHE C 154 37.77 12.50 43.87
N ASN C 155 36.66 12.67 43.14
CA ASN C 155 36.67 12.86 41.69
C ASN C 155 37.29 11.68 40.95
N CYS C 156 37.28 10.50 41.57
CA CYS C 156 37.86 9.28 40.98
C CYS C 156 36.87 8.15 41.23
N TYR C 157 36.10 7.81 40.19
CA TYR C 157 34.88 7.04 40.37
C TYR C 157 34.99 5.67 39.74
N PHE C 158 34.40 4.68 40.40
CA PHE C 158 34.09 3.43 39.77
C PHE C 158 33.07 3.69 38.65
N PRO C 159 33.31 3.22 37.42
CA PRO C 159 32.56 3.77 36.27
C PRO C 159 31.15 3.22 36.09
N LEU C 160 30.80 2.10 36.73
CA LEU C 160 29.46 1.54 36.61
C LEU C 160 28.60 1.95 37.79
N GLN C 161 27.34 2.28 37.51
CA GLN C 161 26.36 2.60 38.53
C GLN C 161 25.10 1.76 38.35
N SER C 162 24.44 1.47 39.47
CA SER C 162 23.22 0.69 39.47
C SER C 162 22.02 1.56 39.13
N TYR C 163 21.13 1.02 38.29
CA TYR C 163 19.79 1.57 38.25
C TYR C 163 19.10 1.21 39.55
N GLY C 164 18.22 2.10 40.00
CA GLY C 164 17.38 1.81 41.13
C GLY C 164 15.95 1.57 40.69
N PHE C 165 15.55 0.30 40.60
CA PHE C 165 14.23 -0.10 40.14
C PHE C 165 13.34 -0.49 41.33
N GLN C 166 12.49 0.43 41.74
CA GLN C 166 11.43 0.22 42.71
C GLN C 166 10.06 0.23 42.04
N PRO C 167 9.13 -0.62 42.49
CA PRO C 167 7.86 -0.78 41.76
C PRO C 167 7.03 0.50 41.66
N THR C 168 7.19 1.44 42.59
CA THR C 168 6.42 2.67 42.59
C THR C 168 7.10 3.81 41.86
N ASN C 169 8.24 3.56 41.21
CA ASN C 169 8.86 4.58 40.38
C ASN C 169 7.87 5.02 39.29
N GLY C 170 8.07 6.24 38.80
CA GLY C 170 7.37 6.65 37.60
C GLY C 170 7.74 5.78 36.42
N VAL C 171 6.79 5.68 35.47
CA VAL C 171 6.95 4.76 34.34
C VAL C 171 8.27 5.00 33.61
N GLY C 172 8.67 6.26 33.46
CA GLY C 172 9.93 6.57 32.83
C GLY C 172 11.14 6.09 33.62
N TYR C 173 10.95 5.75 34.89
CA TYR C 173 12.06 5.28 35.71
C TYR C 173 12.00 3.78 35.92
N GLN C 174 10.99 3.11 35.38
CA GLN C 174 10.83 1.69 35.48
C GLN C 174 11.75 0.97 34.50
N PRO C 175 12.05 -0.31 34.74
CA PRO C 175 12.90 -1.07 33.83
C PRO C 175 12.14 -1.48 32.58
N TYR C 176 12.85 -1.46 31.44
CA TYR C 176 12.32 -1.94 30.18
C TYR C 176 13.29 -2.95 29.62
N ARG C 177 12.78 -4.10 29.17
CA ARG C 177 13.58 -5.06 28.44
C ARG C 177 13.58 -4.71 26.96
N VAL C 178 14.74 -4.85 26.33
CA VAL C 178 14.98 -4.40 24.96
C VAL C 178 15.60 -5.56 24.19
N VAL C 179 15.08 -5.82 22.99
CA VAL C 179 15.69 -6.76 22.05
C VAL C 179 15.97 -6.00 20.77
N VAL C 180 17.20 -6.08 20.29
CA VAL C 180 17.62 -5.47 19.05
C VAL C 180 17.94 -6.60 18.08
N LEU C 181 17.17 -6.69 17.01
CA LEU C 181 17.43 -7.68 15.97
C LEU C 181 18.21 -7.01 14.84
N SER C 182 19.42 -7.49 14.59
CA SER C 182 20.25 -7.01 13.49
C SER C 182 20.07 -7.92 12.27
N PHE C 183 19.87 -7.31 11.10
CA PHE C 183 19.77 -8.02 9.82
C PHE C 183 20.83 -7.51 8.84
N GLU C 184 21.23 -8.38 7.91
CA GLU C 184 21.86 -7.94 6.68
C GLU C 184 21.07 -8.53 5.51
N LEU C 185 20.70 -7.67 4.57
CA LEU C 185 19.99 -8.02 3.34
C LEU C 185 20.96 -7.89 2.18
N LEU C 186 21.54 -9.01 1.78
CA LEU C 186 22.61 -9.02 0.80
C LEU C 186 22.25 -9.94 -0.35
N HIS C 187 22.91 -9.72 -1.48
CA HIS C 187 22.97 -10.70 -2.56
C HIS C 187 23.99 -11.75 -2.10
N ALA C 188 23.51 -12.73 -1.35
CA ALA C 188 24.32 -13.78 -0.75
C ALA C 188 23.36 -14.83 -0.18
N PRO C 189 23.85 -16.04 0.11
CA PRO C 189 22.97 -17.05 0.71
C PRO C 189 22.41 -16.56 2.05
N ALA C 190 21.19 -17.01 2.36
CA ALA C 190 20.50 -16.58 3.56
C ALA C 190 19.95 -17.79 4.31
N THR C 191 20.37 -17.99 5.56
CA THR C 191 19.92 -19.13 6.33
C THR C 191 18.71 -18.81 7.20
N VAL C 192 18.25 -17.56 7.22
CA VAL C 192 17.08 -17.16 8.00
C VAL C 192 16.04 -16.59 7.05
N CYS C 193 14.86 -17.22 6.99
CA CYS C 193 13.79 -16.83 6.08
C CYS C 193 12.48 -16.92 6.84
N GLY C 194 11.42 -16.35 6.26
CA GLY C 194 10.11 -16.41 6.86
C GLY C 194 9.32 -17.64 6.44
N PRO C 195 8.06 -17.74 6.90
CA PRO C 195 7.11 -18.80 6.52
C PRO C 195 6.53 -18.59 5.12
N ASP D 1 -7.56 -9.99 -3.08
CA ASP D 1 -6.23 -10.56 -2.80
C ASP D 1 -6.20 -12.03 -3.24
N ILE D 2 -5.83 -12.28 -4.50
CA ILE D 2 -5.59 -13.65 -4.91
C ILE D 2 -4.26 -14.08 -4.31
N VAL D 3 -4.26 -15.21 -3.63
CA VAL D 3 -3.02 -15.82 -3.15
C VAL D 3 -2.84 -17.13 -3.90
N MET D 4 -1.66 -17.32 -4.48
CA MET D 4 -1.31 -18.51 -5.24
C MET D 4 -0.35 -19.37 -4.43
N THR D 5 -0.60 -20.67 -4.39
CA THR D 5 0.31 -21.59 -3.72
C THR D 5 0.79 -22.63 -4.71
N GLN D 6 1.94 -23.22 -4.39
CA GLN D 6 2.51 -24.27 -5.21
C GLN D 6 3.03 -25.36 -4.29
N SER D 7 2.90 -26.60 -4.74
CA SER D 7 3.41 -27.76 -4.04
C SER D 7 3.88 -28.76 -5.09
N PRO D 8 4.94 -29.52 -4.82
CA PRO D 8 5.75 -29.33 -3.59
C PRO D 8 6.68 -28.14 -3.79
N SER D 9 7.33 -27.69 -2.72
CA SER D 9 8.25 -26.56 -2.88
C SER D 9 9.52 -26.97 -3.61
N SER D 10 9.91 -28.24 -3.51
CA SER D 10 11.06 -28.73 -4.25
C SER D 10 10.87 -30.22 -4.53
N LEU D 11 11.52 -30.70 -5.59
CA LEU D 11 11.47 -32.12 -5.88
C LEU D 11 12.70 -32.52 -6.69
N SER D 12 12.99 -33.82 -6.68
CA SER D 12 14.08 -34.46 -7.40
C SER D 12 13.54 -35.66 -8.17
N ALA D 13 13.98 -35.81 -9.42
CA ALA D 13 13.57 -36.92 -10.25
C ALA D 13 14.73 -37.30 -11.17
N SER D 14 14.64 -38.50 -11.74
CA SER D 14 15.70 -38.93 -12.65
C SER D 14 15.38 -38.47 -14.07
N VAL D 15 16.43 -38.39 -14.89
CA VAL D 15 16.24 -38.08 -16.29
C VAL D 15 15.28 -39.10 -16.91
N GLY D 16 14.33 -38.59 -17.71
CA GLY D 16 13.33 -39.42 -18.33
C GLY D 16 12.09 -39.68 -17.51
N ASP D 17 12.09 -39.32 -16.23
CA ASP D 17 10.92 -39.43 -15.38
C ASP D 17 9.85 -38.40 -15.76
N ARG D 18 8.61 -38.73 -15.45
CA ARG D 18 7.52 -37.79 -15.59
C ARG D 18 7.40 -37.01 -14.29
N VAL D 19 7.35 -35.68 -14.39
CA VAL D 19 7.30 -34.80 -13.23
C VAL D 19 6.00 -34.03 -13.30
N THR D 20 5.27 -33.97 -12.19
CA THR D 20 4.06 -33.15 -12.12
C THR D 20 4.08 -32.31 -10.85
N ILE D 21 3.89 -31.01 -11.00
CA ILE D 21 3.84 -30.06 -9.90
C ILE D 21 2.52 -29.31 -9.94
N THR D 22 2.09 -28.79 -8.80
CA THR D 22 0.75 -28.22 -8.73
C THR D 22 0.73 -26.78 -8.26
N CYS D 23 -0.36 -26.10 -8.64
CA CYS D 23 -0.58 -24.69 -8.33
C CYS D 23 -2.05 -24.54 -7.95
N GLN D 24 -2.32 -23.75 -6.92
CA GLN D 24 -3.70 -23.52 -6.49
C GLN D 24 -3.94 -22.05 -6.27
N ALA D 25 -5.15 -21.60 -6.59
CA ALA D 25 -5.58 -20.23 -6.37
C ALA D 25 -6.59 -20.18 -5.24
N SER D 26 -6.58 -19.08 -4.49
CA SER D 26 -7.48 -18.96 -3.35
C SER D 26 -8.94 -18.77 -3.76
N GLN D 27 -9.18 -18.39 -5.01
CA GLN D 27 -10.53 -18.33 -5.55
C GLN D 27 -10.48 -18.80 -6.98
N ASP D 28 -11.66 -18.97 -7.58
CA ASP D 28 -11.73 -19.45 -8.95
C ASP D 28 -11.13 -18.40 -9.90
N ILE D 29 -10.14 -18.80 -10.69
CA ILE D 29 -9.52 -17.94 -11.68
C ILE D 29 -9.65 -18.52 -13.09
N SER D 30 -10.65 -19.37 -13.31
CA SER D 30 -10.96 -19.95 -14.63
C SER D 30 -9.69 -20.59 -15.19
N ASN D 31 -9.27 -20.26 -16.41
CA ASN D 31 -8.02 -20.74 -16.97
C ASN D 31 -6.99 -19.61 -17.10
N TYR D 32 -7.11 -18.59 -16.25
CA TYR D 32 -6.25 -17.40 -16.31
C TYR D 32 -4.96 -17.67 -15.55
N LEU D 33 -4.16 -18.59 -16.10
CA LEU D 33 -3.02 -19.07 -15.37
C LEU D 33 -1.90 -19.50 -16.31
N ASN D 34 -0.70 -18.98 -16.06
CA ASN D 34 0.48 -19.26 -16.88
C ASN D 34 1.54 -19.97 -16.05
N TRP D 35 2.49 -20.59 -16.75
CA TRP D 35 3.63 -21.26 -16.13
C TRP D 35 4.92 -20.75 -16.73
N TYR D 36 5.89 -20.46 -15.85
CA TYR D 36 7.19 -19.92 -16.23
C TYR D 36 8.31 -20.81 -15.73
N GLN D 37 9.39 -20.86 -16.48
CA GLN D 37 10.61 -21.56 -16.10
C GLN D 37 11.71 -20.54 -15.89
N GLN D 38 12.37 -20.65 -14.75
CA GLN D 38 13.48 -19.75 -14.40
C GLN D 38 14.74 -20.54 -14.08
N LYS D 39 15.69 -20.51 -14.99
CA LYS D 39 17.00 -21.16 -14.85
C LYS D 39 17.86 -20.27 -13.95
N SER D 40 18.89 -20.82 -13.34
CA SER D 40 19.76 -20.04 -12.44
C SER D 40 20.45 -18.92 -13.23
N GLY D 41 20.38 -17.71 -12.72
CA GLY D 41 21.04 -16.59 -13.42
C GLY D 41 20.36 -16.24 -14.73
N LYS D 42 19.03 -16.35 -14.80
CA LYS D 42 18.35 -16.01 -16.06
C LYS D 42 16.95 -15.47 -15.82
N ALA D 43 16.46 -14.69 -16.78
CA ALA D 43 15.09 -14.23 -16.73
C ALA D 43 14.17 -15.44 -16.82
N PRO D 44 12.98 -15.36 -16.23
CA PRO D 44 11.98 -16.40 -16.46
C PRO D 44 11.62 -16.47 -17.93
N LYS D 45 11.09 -17.61 -18.33
CA LYS D 45 10.67 -17.89 -19.69
C LYS D 45 9.27 -18.48 -19.65
N LEU D 46 8.35 -17.90 -20.40
CA LEU D 46 7.00 -18.43 -20.47
C LEU D 46 7.00 -19.76 -21.22
N LEU D 47 6.33 -20.76 -20.64
CA LEU D 47 6.21 -22.09 -21.22
C LEU D 47 4.79 -22.44 -21.56
N ILE D 48 3.85 -22.12 -20.66
CA ILE D 48 2.44 -22.45 -20.82
C ILE D 48 1.61 -21.23 -20.46
N TYR D 49 0.63 -20.93 -21.31
CA TYR D 49 -0.29 -19.82 -21.07
C TYR D 49 -1.73 -20.32 -21.13
N ASP D 50 -2.58 -19.66 -20.36
CA ASP D 50 -3.98 -20.03 -20.24
C ASP D 50 -4.13 -21.50 -19.89
N ALA D 51 -3.42 -21.88 -18.81
CA ALA D 51 -3.53 -23.19 -18.15
C ALA D 51 -2.93 -24.32 -18.95
N SER D 52 -3.11 -24.32 -20.29
CA SER D 52 -2.75 -25.49 -21.08
C SER D 52 -2.14 -25.21 -22.46
N ASN D 53 -1.90 -23.97 -22.84
CA ASN D 53 -1.39 -23.70 -24.19
C ASN D 53 0.12 -23.60 -24.21
N LEU D 54 0.73 -24.39 -25.06
CA LEU D 54 2.19 -24.42 -25.19
C LEU D 54 2.70 -23.18 -25.93
N GLU D 55 3.61 -22.44 -25.30
CA GLU D 55 4.19 -21.29 -25.98
C GLU D 55 5.02 -21.74 -27.18
N THR D 56 5.06 -20.88 -28.20
CA THR D 56 5.81 -21.15 -29.42
C THR D 56 7.28 -21.43 -29.12
N GLY D 57 7.81 -22.50 -29.70
CA GLY D 57 9.21 -22.85 -29.54
C GLY D 57 9.54 -23.64 -28.29
N VAL D 58 8.54 -23.97 -27.47
CA VAL D 58 8.74 -24.68 -26.21
C VAL D 58 8.61 -26.18 -26.46
N PRO D 59 9.54 -27.00 -25.97
CA PRO D 59 9.48 -28.45 -26.23
C PRO D 59 8.16 -29.06 -25.80
N SER D 60 7.71 -30.03 -26.58
CA SER D 60 6.39 -30.59 -26.36
C SER D 60 6.32 -31.56 -25.19
N ARG D 61 7.46 -31.88 -24.54
CA ARG D 61 7.37 -32.62 -23.28
C ARG D 61 6.73 -31.80 -22.16
N PHE D 62 6.55 -30.48 -22.34
CA PHE D 62 5.89 -29.63 -21.34
C PHE D 62 4.39 -29.52 -21.60
N SER D 63 3.60 -29.52 -20.53
CA SER D 63 2.15 -29.41 -20.67
C SER D 63 1.56 -28.93 -19.36
N GLY D 64 0.32 -28.42 -19.44
CA GLY D 64 -0.40 -27.97 -18.26
C GLY D 64 -1.90 -28.25 -18.40
N SER D 65 -2.58 -28.32 -17.26
CA SER D 65 -4.01 -28.57 -17.28
C SER D 65 -4.64 -27.99 -16.02
N GLY D 66 -5.97 -27.98 -16.01
CA GLY D 66 -6.77 -27.48 -14.91
C GLY D 66 -7.52 -26.21 -15.27
N SER D 67 -8.40 -25.81 -14.35
CA SER D 67 -9.14 -24.57 -14.41
C SER D 67 -9.85 -24.41 -13.07
N GLY D 68 -10.22 -23.19 -12.75
CA GLY D 68 -10.84 -22.93 -11.45
C GLY D 68 -9.81 -22.61 -10.39
N THR D 69 -9.58 -23.54 -9.47
CA THR D 69 -8.63 -23.31 -8.39
C THR D 69 -7.43 -24.26 -8.40
N ASP D 70 -7.42 -25.34 -9.19
CA ASP D 70 -6.34 -26.31 -9.11
C ASP D 70 -5.72 -26.51 -10.48
N PHE D 71 -4.39 -26.43 -10.54
CA PHE D 71 -3.66 -26.52 -11.80
C PHE D 71 -2.44 -27.42 -11.63
N THR D 72 -2.03 -28.03 -12.72
CA THR D 72 -0.86 -28.89 -12.71
C THR D 72 0.01 -28.53 -13.90
N PHE D 73 1.32 -28.73 -13.74
CA PHE D 73 2.29 -28.57 -14.81
C PHE D 73 3.06 -29.88 -14.90
N THR D 74 3.27 -30.37 -16.11
CA THR D 74 3.81 -31.70 -16.27
C THR D 74 4.96 -31.67 -17.26
N ILE D 75 6.09 -32.21 -16.83
CA ILE D 75 7.19 -32.56 -17.73
C ILE D 75 7.10 -34.07 -17.94
N SER D 76 6.80 -34.49 -19.16
CA SER D 76 6.55 -35.89 -19.43
C SER D 76 7.81 -36.74 -19.40
N SER D 77 8.98 -36.12 -19.63
CA SER D 77 10.22 -36.89 -19.71
C SER D 77 11.35 -35.90 -19.35
N LEU D 78 11.72 -35.90 -18.06
CA LEU D 78 12.61 -34.90 -17.50
C LEU D 78 13.97 -34.89 -18.20
N GLN D 79 14.40 -33.71 -18.65
CA GLN D 79 15.67 -33.62 -19.35
C GLN D 79 16.70 -32.90 -18.48
N PRO D 80 17.99 -33.15 -18.69
CA PRO D 80 19.01 -32.51 -17.84
C PRO D 80 18.87 -30.99 -17.77
N GLU D 81 18.46 -30.36 -18.86
CA GLU D 81 18.37 -28.91 -18.89
C GLU D 81 17.12 -28.36 -18.24
N ASP D 82 16.23 -29.22 -17.73
CA ASP D 82 14.97 -28.77 -17.15
C ASP D 82 15.10 -28.37 -15.69
N ILE D 83 16.30 -28.43 -15.11
CA ILE D 83 16.50 -27.97 -13.75
C ILE D 83 16.31 -26.46 -13.70
N ALA D 84 15.51 -26.01 -12.76
CA ALA D 84 14.99 -24.65 -12.76
C ALA D 84 13.99 -24.53 -11.64
N THR D 85 13.53 -23.32 -11.35
CA THR D 85 12.34 -23.13 -10.57
C THR D 85 11.21 -22.75 -11.51
N TYR D 86 10.06 -23.38 -11.32
CA TYR D 86 8.88 -23.20 -12.14
C TYR D 86 7.85 -22.41 -11.34
N TYR D 87 7.34 -21.33 -11.93
CA TYR D 87 6.42 -20.44 -11.25
C TYR D 87 5.08 -20.44 -11.99
N CYS D 88 3.98 -20.58 -11.25
CA CYS D 88 2.72 -20.26 -11.88
C CYS D 88 2.42 -18.77 -11.71
N GLN D 89 1.46 -18.29 -12.49
CA GLN D 89 1.11 -16.86 -12.48
C GLN D 89 -0.35 -16.70 -12.87
N GLN D 90 -1.19 -16.27 -11.94
CA GLN D 90 -2.54 -15.91 -12.36
C GLN D 90 -2.53 -14.50 -12.90
N TYR D 91 -3.59 -14.17 -13.65
CA TYR D 91 -3.77 -12.83 -14.15
C TYR D 91 -5.25 -12.46 -14.14
N ASP D 92 -5.52 -11.17 -14.08
CA ASP D 92 -6.87 -10.66 -14.22
C ASP D 92 -6.79 -9.38 -15.04
N SER D 93 -7.87 -8.61 -15.02
CA SER D 93 -7.95 -7.38 -15.80
C SER D 93 -7.06 -6.27 -15.28
N LEU D 94 -6.49 -6.41 -14.07
CA LEU D 94 -5.65 -5.38 -13.48
C LEU D 94 -4.18 -5.72 -13.49
N GLY D 95 -3.84 -6.98 -13.18
CA GLY D 95 -2.45 -7.38 -13.03
C GLY D 95 -2.24 -8.87 -12.92
N PHE D 96 -1.21 -9.25 -12.16
CA PHE D 96 -0.70 -10.62 -12.08
C PHE D 96 -0.36 -10.96 -10.63
N THR D 97 -0.35 -12.26 -10.32
CA THR D 97 0.15 -12.75 -9.05
C THR D 97 0.92 -14.04 -9.29
N PHE D 98 2.20 -14.06 -8.95
CA PHE D 98 3.00 -15.27 -9.08
C PHE D 98 2.81 -16.18 -7.86
N GLY D 99 2.82 -17.49 -8.09
CA GLY D 99 2.97 -18.45 -7.03
C GLY D 99 4.41 -18.43 -6.52
N PRO D 100 4.68 -19.14 -5.42
CA PRO D 100 6.02 -19.06 -4.79
C PRO D 100 7.10 -19.90 -5.47
N GLY D 101 6.77 -20.77 -6.39
CA GLY D 101 7.79 -21.47 -7.16
C GLY D 101 8.03 -22.89 -6.66
N THR D 102 8.34 -23.77 -7.60
CA THR D 102 8.74 -25.14 -7.29
C THR D 102 10.09 -25.41 -7.95
N LYS D 103 11.09 -25.73 -7.13
CA LYS D 103 12.42 -26.01 -7.67
C LYS D 103 12.51 -27.48 -8.07
N VAL D 104 12.93 -27.73 -9.30
CA VAL D 104 13.07 -29.08 -9.85
C VAL D 104 14.55 -29.40 -10.01
N GLU D 105 14.98 -30.50 -9.38
CA GLU D 105 16.35 -30.98 -9.42
C GLU D 105 16.39 -32.40 -9.96
N ILE D 106 17.58 -32.83 -10.35
CA ILE D 106 17.74 -34.11 -11.03
C ILE D 106 18.50 -35.09 -10.14
N ARG D 107 18.01 -36.33 -10.11
CA ARG D 107 18.67 -37.46 -9.47
C ARG D 107 19.49 -38.17 -10.53
N ARG D 108 20.74 -38.52 -10.20
CA ARG D 108 21.57 -39.27 -11.14
C ARG D 108 22.52 -40.21 -10.40
N THR D 109 23.28 -40.98 -11.19
CA THR D 109 24.25 -41.93 -10.64
C THR D 109 25.42 -41.22 -9.97
N VAL D 110 25.96 -41.86 -8.94
CA VAL D 110 27.10 -41.31 -8.24
C VAL D 110 28.25 -41.06 -9.23
N ALA D 111 28.94 -39.93 -9.04
CA ALA D 111 30.10 -39.58 -9.85
C ALA D 111 31.17 -39.04 -8.91
N ALA D 112 32.35 -39.69 -8.94
CA ALA D 112 33.44 -39.28 -8.06
C ALA D 112 34.03 -37.95 -8.56
N PRO D 113 34.42 -37.07 -7.65
CA PRO D 113 35.04 -35.81 -8.07
C PRO D 113 36.46 -36.00 -8.59
N SER D 114 36.82 -35.17 -9.57
CA SER D 114 38.20 -34.96 -9.97
C SER D 114 38.75 -33.77 -9.18
N VAL D 115 39.86 -33.98 -8.48
CA VAL D 115 40.37 -33.03 -7.49
C VAL D 115 41.61 -32.32 -8.02
N PHE D 116 41.70 -31.01 -7.79
CA PHE D 116 42.87 -30.22 -8.15
C PHE D 116 43.18 -29.25 -7.02
N ILE D 117 44.47 -28.95 -6.83
CA ILE D 117 44.89 -28.00 -5.81
C ILE D 117 45.71 -26.90 -6.48
N PHE D 118 45.58 -25.68 -6.00
CA PHE D 118 46.26 -24.53 -6.59
C PHE D 118 46.98 -23.76 -5.49
N PRO D 119 48.28 -23.53 -5.63
CA PRO D 119 48.99 -22.70 -4.67
C PRO D 119 48.61 -21.25 -4.86
N PRO D 120 48.94 -20.40 -3.90
CA PRO D 120 48.76 -18.97 -4.13
C PRO D 120 49.70 -18.47 -5.21
N SER D 121 49.27 -17.42 -5.89
CA SER D 121 50.11 -16.75 -6.89
C SER D 121 51.13 -15.84 -6.21
N ASP D 122 52.24 -15.59 -6.91
CA ASP D 122 53.23 -14.66 -6.41
C ASP D 122 52.66 -13.25 -6.31
N GLU D 123 51.82 -12.87 -7.27
CA GLU D 123 51.21 -11.54 -7.23
C GLU D 123 50.42 -11.35 -5.93
N GLN D 124 49.69 -12.37 -5.49
CA GLN D 124 48.91 -12.21 -4.27
C GLN D 124 49.78 -12.25 -3.03
N LEU D 125 50.82 -13.09 -3.02
CA LEU D 125 51.71 -13.13 -1.87
C LEU D 125 52.30 -11.76 -1.58
N LYS D 126 52.68 -11.03 -2.63
CA LYS D 126 53.22 -9.68 -2.47
C LYS D 126 52.29 -8.79 -1.66
N SER D 127 50.98 -9.01 -1.75
CA SER D 127 50.03 -8.18 -1.03
C SER D 127 49.80 -8.63 0.41
N GLY D 128 50.47 -9.68 0.88
CA GLY D 128 50.44 -10.03 2.29
C GLY D 128 49.46 -11.12 2.67
N THR D 129 48.74 -11.70 1.71
CA THR D 129 47.79 -12.76 2.02
C THR D 129 47.90 -13.85 0.97
N ALA D 130 47.53 -15.07 1.35
CA ALA D 130 47.69 -16.24 0.50
C ALA D 130 46.37 -17.01 0.44
N SER D 131 45.85 -17.21 -0.78
CA SER D 131 44.69 -18.06 -1.01
C SER D 131 45.17 -19.34 -1.69
N VAL D 132 44.90 -20.47 -1.08
CA VAL D 132 45.15 -21.77 -1.68
C VAL D 132 43.79 -22.40 -1.94
N VAL D 133 43.60 -22.95 -3.14
CA VAL D 133 42.28 -23.33 -3.62
C VAL D 133 42.27 -24.80 -3.99
N CYS D 134 41.21 -25.48 -3.59
CA CYS D 134 40.97 -26.88 -3.90
C CYS D 134 39.71 -27.00 -4.75
N LEU D 135 39.84 -27.65 -5.90
CA LEU D 135 38.73 -27.82 -6.84
C LEU D 135 38.30 -29.29 -6.87
N LEU D 136 36.99 -29.52 -6.68
CA LEU D 136 36.35 -30.82 -6.86
C LEU D 136 35.44 -30.72 -8.08
N ASN D 137 35.79 -31.42 -9.15
CA ASN D 137 35.14 -31.17 -10.44
C ASN D 137 34.16 -32.30 -10.76
N ASN D 138 32.94 -31.92 -11.13
CA ASN D 138 31.97 -32.80 -11.79
C ASN D 138 31.62 -34.04 -10.96
N PHE D 139 31.04 -33.82 -9.79
CA PHE D 139 30.69 -34.96 -8.95
C PHE D 139 29.21 -34.95 -8.63
N TYR D 140 28.73 -36.11 -8.15
CA TYR D 140 27.36 -36.28 -7.67
C TYR D 140 27.39 -37.44 -6.69
N PRO D 141 26.71 -37.37 -5.54
CA PRO D 141 25.85 -36.28 -5.03
C PRO D 141 26.60 -35.08 -4.49
N ARG D 142 25.81 -34.03 -4.19
CA ARG D 142 26.33 -32.73 -3.80
C ARG D 142 27.19 -32.81 -2.55
N GLU D 143 26.89 -33.76 -1.65
CA GLU D 143 27.60 -33.83 -0.36
C GLU D 143 29.05 -34.26 -0.55
N ALA D 144 29.97 -33.37 -0.18
CA ALA D 144 31.38 -33.67 -0.26
C ALA D 144 32.07 -33.03 0.92
N LYS D 145 33.06 -33.71 1.47
CA LYS D 145 33.79 -33.21 2.63
C LYS D 145 35.21 -32.89 2.20
N VAL D 146 35.65 -31.67 2.47
CA VAL D 146 36.99 -31.21 2.13
C VAL D 146 37.71 -30.80 3.40
N GLN D 147 38.91 -31.34 3.61
CA GLN D 147 39.70 -31.06 4.81
C GLN D 147 41.05 -30.50 4.40
N TRP D 148 41.37 -29.31 4.91
CA TRP D 148 42.67 -28.70 4.71
C TRP D 148 43.67 -29.15 5.77
N LYS D 149 44.83 -29.59 5.29
CA LYS D 149 45.98 -30.03 6.12
C LYS D 149 47.22 -29.22 5.75
N VAL D 150 47.74 -28.43 6.68
CA VAL D 150 49.00 -27.65 6.46
C VAL D 150 50.07 -28.34 7.31
N ASP D 151 51.11 -28.88 6.69
CA ASP D 151 52.17 -29.72 7.36
C ASP D 151 51.51 -30.75 8.27
N ASN D 152 50.51 -31.47 7.80
CA ASN D 152 49.73 -32.48 8.56
C ASN D 152 48.80 -31.91 9.64
N ALA D 153 48.68 -30.59 9.81
CA ALA D 153 47.80 -30.06 10.86
C ALA D 153 46.43 -29.67 10.28
N LEU D 154 45.37 -30.25 10.85
CA LEU D 154 43.98 -29.95 10.44
C LEU D 154 43.66 -28.47 10.62
N GLN D 155 43.25 -27.80 9.55
CA GLN D 155 42.87 -26.40 9.61
C GLN D 155 41.40 -26.32 9.96
N SER D 156 41.01 -25.19 10.53
CA SER D 156 39.59 -25.00 10.83
C SER D 156 39.29 -23.51 10.93
N GLY D 157 38.15 -23.12 10.34
CA GLY D 157 37.65 -21.76 10.40
C GLY D 157 38.37 -20.78 9.51
N ASN D 158 39.28 -21.23 8.65
CA ASN D 158 39.95 -20.33 7.71
C ASN D 158 39.69 -20.71 6.26
N SER D 159 38.58 -21.41 5.99
CA SER D 159 38.24 -21.78 4.61
C SER D 159 36.76 -21.54 4.34
N GLN D 160 36.46 -21.21 3.08
CA GLN D 160 35.08 -21.11 2.61
C GLN D 160 34.94 -21.94 1.35
N GLU D 161 33.77 -22.55 1.18
CA GLU D 161 33.54 -23.28 -0.06
C GLU D 161 32.36 -22.67 -0.80
N SER D 162 32.31 -22.98 -2.09
CA SER D 162 31.23 -22.55 -2.96
C SER D 162 30.94 -23.71 -3.89
N VAL D 163 29.66 -23.92 -4.19
CA VAL D 163 29.21 -25.03 -5.02
C VAL D 163 28.46 -24.48 -6.22
N THR D 164 28.73 -25.03 -7.39
CA THR D 164 28.02 -24.61 -8.58
C THR D 164 26.56 -25.08 -8.51
N GLU D 165 25.72 -24.47 -9.35
CA GLU D 165 24.42 -25.07 -9.56
C GLU D 165 24.62 -26.38 -10.32
N GLN D 166 23.66 -27.29 -10.18
CA GLN D 166 23.73 -28.55 -10.91
C GLN D 166 23.93 -28.31 -12.40
N ASP D 167 24.85 -29.05 -13.00
CA ASP D 167 25.17 -28.83 -14.41
C ASP D 167 23.98 -29.16 -15.29
N SER D 168 23.70 -28.27 -16.26
CA SER D 168 22.54 -28.45 -17.13
C SER D 168 22.72 -29.53 -18.18
N LYS D 169 23.92 -30.12 -18.33
CA LYS D 169 24.14 -31.20 -19.28
C LYS D 169 24.36 -32.55 -18.59
N ASP D 170 25.22 -32.64 -17.59
CA ASP D 170 25.48 -33.92 -16.93
C ASP D 170 24.97 -33.99 -15.49
N SER D 171 24.29 -32.96 -15.00
CA SER D 171 23.61 -32.96 -13.70
C SER D 171 24.57 -33.16 -12.52
N THR D 172 25.87 -32.89 -12.70
CA THR D 172 26.84 -32.96 -11.61
C THR D 172 27.04 -31.58 -10.99
N TYR D 173 27.81 -31.57 -9.89
CA TYR D 173 28.21 -30.36 -9.21
C TYR D 173 29.73 -30.23 -9.28
N SER D 174 30.20 -29.01 -9.07
CA SER D 174 31.62 -28.75 -8.86
C SER D 174 31.73 -27.87 -7.62
N LEU D 175 32.87 -27.94 -6.95
CA LEU D 175 33.03 -27.29 -5.66
C LEU D 175 34.44 -26.72 -5.55
N SER D 176 34.54 -25.48 -5.08
CA SER D 176 35.83 -24.89 -4.73
C SER D 176 35.90 -24.63 -3.23
N SER D 177 37.03 -24.95 -2.63
CA SER D 177 37.29 -24.60 -1.24
C SER D 177 38.50 -23.68 -1.19
N THR D 178 38.37 -22.55 -0.51
CA THR D 178 39.43 -21.55 -0.48
C THR D 178 39.94 -21.42 0.95
N LEU D 179 41.19 -21.83 1.17
CA LEU D 179 41.87 -21.65 2.44
C LEU D 179 42.62 -20.32 2.44
N THR D 180 42.27 -19.44 3.37
CA THR D 180 42.89 -18.12 3.46
C THR D 180 43.89 -18.11 4.61
N LEU D 181 45.11 -17.66 4.32
CA LEU D 181 46.18 -17.61 5.31
C LEU D 181 46.89 -16.28 5.19
N SER D 182 47.38 -15.77 6.31
CA SER D 182 48.29 -14.65 6.24
C SER D 182 49.54 -15.11 5.51
N LYS D 183 50.25 -14.14 4.90
CA LYS D 183 51.48 -14.49 4.19
C LYS D 183 52.49 -15.16 5.12
N ALA D 184 52.60 -14.64 6.35
CA ALA D 184 53.51 -15.24 7.32
C ALA D 184 53.14 -16.69 7.58
N ASP D 185 51.85 -16.97 7.81
CA ASP D 185 51.46 -18.36 8.03
C ASP D 185 51.80 -19.22 6.81
N TYR D 186 51.58 -18.69 5.60
CA TYR D 186 51.86 -19.48 4.42
C TYR D 186 53.34 -19.80 4.30
N GLU D 187 54.21 -18.84 4.59
CA GLU D 187 55.64 -19.09 4.47
C GLU D 187 56.20 -19.92 5.62
N LYS D 188 55.47 -20.00 6.75
CA LYS D 188 55.93 -20.81 7.88
C LYS D 188 55.90 -22.30 7.60
N HIS D 189 55.13 -22.76 6.61
CA HIS D 189 54.92 -24.19 6.39
C HIS D 189 55.25 -24.58 4.97
N LYS D 190 55.26 -25.90 4.74
CA LYS D 190 55.78 -26.49 3.52
C LYS D 190 54.71 -27.26 2.72
N VAL D 191 53.97 -28.17 3.35
CA VAL D 191 53.08 -29.09 2.65
C VAL D 191 51.64 -28.61 2.81
N TYR D 192 51.03 -28.22 1.69
CA TYR D 192 49.61 -27.87 1.67
C TYR D 192 48.87 -28.98 0.94
N ALA D 193 47.91 -29.59 1.61
CA ALA D 193 47.20 -30.74 1.09
C ALA D 193 45.70 -30.52 1.25
N CYS D 194 44.94 -31.07 0.30
CA CYS D 194 43.49 -31.01 0.31
C CYS D 194 42.92 -32.42 0.32
N GLU D 195 42.12 -32.75 1.33
CA GLU D 195 41.60 -34.09 1.51
C GLU D 195 40.11 -34.07 1.25
N VAL D 196 39.67 -34.92 0.33
CA VAL D 196 38.30 -34.91 -0.19
C VAL D 196 37.64 -36.23 0.16
N THR D 197 36.48 -36.15 0.78
CA THR D 197 35.68 -37.32 1.07
C THR D 197 34.37 -37.22 0.30
N HIS D 198 33.96 -38.31 -0.32
CA HIS D 198 32.75 -38.28 -1.14
C HIS D 198 32.31 -39.72 -1.39
N GLN D 199 31.00 -39.89 -1.57
CA GLN D 199 30.43 -41.23 -1.77
C GLN D 199 31.05 -41.97 -2.94
N GLY D 200 31.49 -41.26 -3.97
CA GLY D 200 32.08 -41.94 -5.09
C GLY D 200 33.54 -42.31 -4.94
N LEU D 201 34.14 -41.97 -3.80
CA LEU D 201 35.54 -42.29 -3.52
C LEU D 201 35.56 -43.41 -2.49
N SER D 202 36.13 -44.56 -2.87
CA SER D 202 36.22 -45.68 -1.93
C SER D 202 37.10 -45.31 -0.75
N SER D 203 38.15 -44.53 -0.99
CA SER D 203 39.01 -44.01 0.05
C SER D 203 39.15 -42.51 -0.16
N PRO D 204 39.32 -41.73 0.91
CA PRO D 204 39.52 -40.29 0.73
C PRO D 204 40.70 -40.02 -0.20
N VAL D 205 40.59 -38.91 -0.93
CA VAL D 205 41.58 -38.51 -1.91
C VAL D 205 42.26 -37.24 -1.42
N THR D 206 43.58 -37.19 -1.53
CA THR D 206 44.33 -36.03 -1.13
C THR D 206 45.18 -35.56 -2.31
N LYS D 207 45.15 -34.27 -2.56
CA LYS D 207 46.03 -33.62 -3.53
C LYS D 207 46.84 -32.57 -2.78
N SER D 208 48.12 -32.44 -3.11
CA SER D 208 48.97 -31.60 -2.29
C SER D 208 50.07 -30.97 -3.13
N PHE D 209 50.68 -29.93 -2.59
CA PHE D 209 51.86 -29.34 -3.19
C PHE D 209 52.81 -28.92 -2.09
N ASN D 210 54.06 -28.69 -2.48
CA ASN D 210 55.09 -28.17 -1.58
C ASN D 210 55.37 -26.73 -1.95
N ARG D 211 55.27 -25.84 -0.96
CA ARG D 211 55.45 -24.42 -1.22
C ARG D 211 56.79 -24.16 -1.91
N GLY D 212 56.73 -23.49 -3.06
CA GLY D 212 57.90 -23.14 -3.83
C GLY D 212 58.20 -24.10 -4.97
N GLU D 213 58.17 -25.40 -4.66
CA GLU D 213 58.50 -26.43 -5.64
C GLU D 213 57.46 -26.50 -6.74
N CYS D 214 57.91 -26.39 -7.99
CA CYS D 214 57.03 -26.50 -9.15
C CYS D 214 57.10 -27.89 -9.79
N GLN E 1 11.63 -9.83 -33.57
CA GLN E 1 12.86 -9.23 -33.07
C GLN E 1 12.52 -8.29 -31.90
N VAL E 2 11.58 -8.73 -31.06
CA VAL E 2 11.21 -7.96 -29.89
C VAL E 2 12.31 -8.07 -28.85
N GLN E 3 12.73 -6.93 -28.31
CA GLN E 3 13.78 -6.90 -27.29
C GLN E 3 13.44 -5.86 -26.23
N LEU E 4 13.76 -6.19 -24.98
CA LEU E 4 13.75 -5.25 -23.86
C LEU E 4 15.14 -5.28 -23.26
N VAL E 5 15.81 -4.13 -23.22
CA VAL E 5 17.17 -4.04 -22.71
C VAL E 5 17.17 -3.13 -21.49
N GLN E 6 17.61 -3.68 -20.36
CA GLN E 6 17.60 -2.93 -19.11
C GLN E 6 18.99 -2.36 -18.82
N SER E 7 19.01 -1.30 -18.01
CA SER E 7 20.25 -0.67 -17.56
C SER E 7 21.03 -1.59 -16.62
N GLY E 8 22.30 -1.22 -16.39
CA GLY E 8 23.24 -2.09 -15.70
C GLY E 8 23.04 -2.16 -14.19
N ALA E 9 23.78 -3.09 -13.57
CA ALA E 9 23.77 -3.24 -12.12
C ALA E 9 24.09 -1.90 -11.44
N GLU E 10 23.51 -1.72 -10.26
CA GLU E 10 23.66 -0.45 -9.52
C GLU E 10 23.94 -0.64 -8.03
N VAL E 11 24.79 0.23 -7.50
CA VAL E 11 25.10 0.31 -6.08
C VAL E 11 24.70 1.69 -5.62
N LYS E 12 23.86 1.75 -4.60
CA LYS E 12 23.45 3.02 -4.00
C LYS E 12 23.44 2.86 -2.49
N LYS E 13 23.64 3.99 -1.80
CA LYS E 13 23.55 4.07 -0.35
C LYS E 13 22.09 4.21 0.06
N PRO E 14 21.73 3.76 1.26
CA PRO E 14 20.36 3.99 1.75
C PRO E 14 20.01 5.46 1.71
N GLY E 15 18.77 5.76 1.36
CA GLY E 15 18.33 7.13 1.27
C GLY E 15 18.62 7.84 -0.04
N GLU E 16 19.46 7.28 -0.91
CA GLU E 16 19.62 7.89 -2.22
C GLU E 16 18.43 7.59 -3.14
N SER E 17 18.29 8.38 -4.18
CA SER E 17 17.31 8.07 -5.20
C SER E 17 17.96 7.25 -6.32
N LEU E 18 17.12 6.53 -7.06
CA LEU E 18 17.59 5.65 -8.11
C LEU E 18 16.46 5.48 -9.12
N ARG E 19 16.80 5.54 -10.40
CA ARG E 19 15.88 5.20 -11.46
C ARG E 19 16.54 4.19 -12.37
N ILE E 20 15.87 3.07 -12.60
CA ILE E 20 16.37 2.08 -13.56
C ILE E 20 15.44 2.07 -14.76
N SER E 21 15.97 1.58 -15.90
CA SER E 21 15.29 1.74 -17.17
C SER E 21 15.17 0.42 -17.91
N CYS E 22 14.31 0.43 -18.93
CA CYS E 22 13.99 -0.73 -19.74
C CYS E 22 13.56 -0.21 -21.11
N LYS E 23 14.38 -0.40 -22.14
CA LYS E 23 14.09 0.13 -23.46
C LYS E 23 13.61 -1.00 -24.37
N GLY E 24 12.45 -0.82 -24.96
CA GLY E 24 11.89 -1.82 -25.84
C GLY E 24 12.26 -1.52 -27.29
N SER E 25 12.44 -2.57 -28.08
CA SER E 25 12.68 -2.39 -29.50
C SER E 25 12.04 -3.54 -30.27
N GLY E 26 11.85 -3.33 -31.57
CA GLY E 26 11.32 -4.36 -32.43
C GLY E 26 9.80 -4.50 -32.41
N TYR E 27 9.10 -3.56 -31.80
CA TYR E 27 7.64 -3.58 -31.77
C TYR E 27 7.17 -2.18 -31.42
N SER E 28 5.86 -2.00 -31.42
CA SER E 28 5.24 -0.70 -31.16
C SER E 28 5.12 -0.49 -29.65
N PHE E 29 6.02 0.32 -29.10
CA PHE E 29 6.18 0.42 -27.66
C PHE E 29 4.91 0.89 -26.97
N THR E 30 4.16 1.78 -27.60
CA THR E 30 3.01 2.35 -26.94
C THR E 30 1.79 1.44 -26.98
N ASN E 31 1.90 0.26 -27.57
CA ASN E 31 0.75 -0.64 -27.70
C ASN E 31 0.77 -1.80 -26.73
N TYR E 32 1.80 -1.95 -25.89
CA TYR E 32 1.88 -3.06 -24.95
C TYR E 32 2.19 -2.58 -23.53
N TRP E 33 1.50 -3.17 -22.56
CA TRP E 33 1.82 -2.94 -21.16
C TRP E 33 3.21 -3.45 -20.80
N ILE E 34 3.95 -2.64 -20.04
CA ILE E 34 5.24 -3.03 -19.50
C ILE E 34 5.07 -3.31 -18.02
N SER E 35 5.54 -4.46 -17.55
CA SER E 35 5.47 -4.80 -16.13
C SER E 35 6.86 -4.77 -15.51
N TRP E 36 6.93 -4.51 -14.20
CA TRP E 36 8.17 -4.67 -13.45
C TRP E 36 7.99 -5.76 -12.41
N VAL E 37 9.01 -6.60 -12.29
CA VAL E 37 8.97 -7.77 -11.44
C VAL E 37 10.23 -7.77 -10.60
N ARG E 38 10.06 -7.93 -9.28
CA ARG E 38 11.13 -7.94 -8.31
C ARG E 38 11.39 -9.36 -7.85
N GLN E 39 12.68 -9.70 -7.65
CA GLN E 39 13.11 -10.96 -7.07
C GLN E 39 14.12 -10.65 -5.95
N MET E 40 13.67 -10.74 -4.69
CA MET E 40 14.54 -10.58 -3.52
C MET E 40 15.54 -11.72 -3.44
N PRO E 41 16.69 -11.50 -2.81
CA PRO E 41 17.69 -12.57 -2.64
C PRO E 41 17.07 -13.82 -2.02
N GLY E 42 17.31 -14.98 -2.65
CA GLY E 42 16.72 -16.21 -2.17
C GLY E 42 15.20 -16.31 -2.24
N LYS E 43 14.53 -15.43 -2.98
CA LYS E 43 13.07 -15.44 -2.99
C LYS E 43 12.53 -15.65 -4.42
N GLY E 44 11.22 -15.60 -4.56
CA GLY E 44 10.57 -15.84 -5.84
C GLY E 44 10.33 -14.56 -6.63
N LEU E 45 9.43 -14.66 -7.60
CA LEU E 45 9.06 -13.50 -8.40
C LEU E 45 7.88 -12.79 -7.76
N GLU E 46 7.95 -11.46 -7.73
CA GLU E 46 6.86 -10.62 -7.27
C GLU E 46 6.51 -9.60 -8.33
N TRP E 47 5.25 -9.58 -8.73
CA TRP E 47 4.80 -8.59 -9.69
C TRP E 47 4.62 -7.26 -8.99
N MET E 48 5.30 -6.21 -9.48
CA MET E 48 5.20 -4.90 -8.84
C MET E 48 4.10 -4.04 -9.43
N GLY E 49 3.92 -4.08 -10.74
CA GLY E 49 2.99 -3.20 -11.40
C GLY E 49 3.28 -3.18 -12.88
N ARG E 50 2.44 -2.43 -13.59
CA ARG E 50 2.52 -2.34 -15.05
C ARG E 50 2.02 -0.97 -15.51
N ILE E 51 2.57 -0.51 -16.64
CA ILE E 51 2.23 0.80 -17.18
C ILE E 51 1.87 0.66 -18.65
N ASP E 52 0.81 1.35 -19.05
CA ASP E 52 0.45 1.49 -20.46
C ASP E 52 1.21 2.70 -20.99
N PRO E 53 2.26 2.51 -21.82
CA PRO E 53 3.06 3.68 -22.22
C PRO E 53 2.31 4.70 -23.07
N SER E 54 1.14 4.37 -23.63
CA SER E 54 0.47 5.35 -24.48
C SER E 54 -0.06 6.52 -23.65
N ASP E 55 -0.59 6.24 -22.47
CA ASP E 55 -1.14 7.27 -21.58
C ASP E 55 -0.51 7.24 -20.20
N SER E 56 0.52 6.41 -19.98
CA SER E 56 1.15 6.26 -18.67
C SER E 56 0.14 5.87 -17.59
N TYR E 57 -0.91 5.16 -17.97
CA TYR E 57 -1.79 4.55 -16.98
C TYR E 57 -1.06 3.42 -16.26
N ILE E 58 -1.17 3.37 -14.95
CA ILE E 58 -0.42 2.41 -14.13
C ILE E 58 -1.38 1.61 -13.26
N ASN E 59 -1.19 0.29 -13.23
CA ASN E 59 -1.73 -0.57 -12.19
C ASN E 59 -0.56 -0.99 -11.30
N TYR E 60 -0.68 -0.73 -10.00
CA TYR E 60 0.31 -1.19 -9.03
C TYR E 60 -0.19 -2.45 -8.35
N SER E 61 0.76 -3.30 -7.97
CA SER E 61 0.37 -4.41 -7.12
C SER E 61 -0.27 -3.88 -5.84
N PRO E 62 -1.20 -4.63 -5.26
CA PRO E 62 -1.78 -4.24 -3.96
C PRO E 62 -0.74 -4.02 -2.88
N SER E 63 0.44 -4.64 -3.03
CA SER E 63 1.56 -4.56 -2.10
C SER E 63 2.44 -3.33 -2.30
N PHE E 64 1.98 -2.35 -3.07
CA PHE E 64 2.74 -1.13 -3.34
C PHE E 64 2.41 -0.08 -2.29
N GLN E 65 3.43 0.36 -1.58
CA GLN E 65 3.24 1.33 -0.50
C GLN E 65 3.88 2.66 -0.88
N GLY E 66 3.83 3.01 -2.17
CA GLY E 66 4.37 4.27 -2.62
C GLY E 66 5.87 4.33 -2.70
N HIS E 67 6.56 3.21 -2.47
CA HIS E 67 8.02 3.23 -2.41
C HIS E 67 8.64 3.43 -3.80
N ALA E 68 8.44 2.48 -4.68
CA ALA E 68 8.96 2.59 -6.04
C ALA E 68 7.82 2.94 -6.98
N THR E 69 8.07 3.88 -7.89
CA THR E 69 7.05 4.30 -8.84
C THR E 69 7.47 3.96 -10.27
N ILE E 70 6.50 3.66 -11.08
CA ILE E 70 6.69 3.30 -12.47
C ILE E 70 6.37 4.49 -13.36
N SER E 71 7.15 4.66 -14.42
CA SER E 71 6.86 5.71 -15.39
C SER E 71 7.33 5.21 -16.75
N ALA E 72 7.09 6.02 -17.78
CA ALA E 72 7.51 5.68 -19.13
C ALA E 72 7.75 6.94 -19.93
N ASP E 73 8.72 6.89 -20.84
CA ASP E 73 8.97 7.96 -21.82
C ASP E 73 8.69 7.38 -23.21
N LYS E 74 7.48 7.63 -23.69
CA LYS E 74 7.06 7.26 -25.05
C LYS E 74 8.10 7.57 -26.10
N SER E 75 8.64 8.79 -26.04
CA SER E 75 9.45 9.32 -27.13
C SER E 75 10.70 8.48 -27.38
N ILE E 76 11.19 7.78 -26.36
CA ILE E 76 12.38 6.96 -26.52
C ILE E 76 12.11 5.50 -26.15
N SER E 77 10.85 5.10 -26.21
CA SER E 77 10.46 3.69 -26.00
C SER E 77 11.07 3.10 -24.74
N THR E 78 10.96 3.83 -23.63
CA THR E 78 11.60 3.43 -22.38
C THR E 78 10.59 3.45 -21.25
N ALA E 79 10.66 2.43 -20.39
CA ALA E 79 9.92 2.41 -19.15
C ALA E 79 10.92 2.52 -18.01
N TYR E 80 10.45 3.04 -16.88
CA TYR E 80 11.32 3.31 -15.74
C TYR E 80 10.70 2.77 -14.46
N LEU E 81 11.58 2.41 -13.52
CA LEU E 81 11.21 2.16 -12.14
C LEU E 81 12.13 2.99 -11.27
N GLN E 82 11.56 3.74 -10.32
CA GLN E 82 12.38 4.68 -9.57
C GLN E 82 11.98 4.70 -8.11
N TRP E 83 12.96 5.02 -7.26
CA TRP E 83 12.80 5.19 -5.83
C TRP E 83 13.28 6.58 -5.42
N GLY E 84 12.46 7.29 -4.65
CA GLY E 84 12.93 8.55 -4.08
C GLY E 84 13.97 8.36 -2.96
N SER E 85 13.83 7.30 -2.16
CA SER E 85 14.72 7.09 -1.03
C SER E 85 14.90 5.59 -0.82
N LEU E 86 16.07 5.06 -1.23
CA LEU E 86 16.29 3.62 -1.19
C LEU E 86 16.40 3.12 0.25
N LYS E 87 15.94 1.90 0.48
CA LYS E 87 16.22 1.25 1.75
C LYS E 87 16.82 -0.12 1.49
N ALA E 88 17.34 -0.71 2.57
CA ALA E 88 18.01 -2.01 2.50
C ALA E 88 17.16 -3.05 1.79
N SER E 89 15.86 -3.05 2.07
CA SER E 89 14.98 -4.06 1.49
C SER E 89 14.78 -3.88 0.00
N ASP E 90 15.28 -2.79 -0.60
CA ASP E 90 15.24 -2.69 -2.07
C ASP E 90 16.35 -3.46 -2.77
N THR E 91 17.27 -4.05 -2.01
CA THR E 91 18.30 -4.90 -2.60
C THR E 91 17.65 -6.11 -3.28
N ALA E 92 17.72 -6.20 -4.60
CA ALA E 92 17.00 -7.22 -5.35
C ALA E 92 17.46 -7.20 -6.81
N MET E 93 16.97 -8.19 -7.55
CA MET E 93 17.00 -8.21 -9.01
C MET E 93 15.66 -7.72 -9.54
N TYR E 94 15.68 -6.84 -10.54
CA TYR E 94 14.47 -6.28 -11.14
C TYR E 94 14.39 -6.63 -12.62
N TYR E 95 13.26 -7.18 -13.04
CA TYR E 95 13.00 -7.49 -14.43
C TYR E 95 11.88 -6.60 -14.95
N CYS E 96 12.00 -6.12 -16.18
CA CYS E 96 10.84 -5.66 -16.90
C CYS E 96 10.41 -6.78 -17.85
N ALA E 97 9.14 -6.71 -18.28
CA ALA E 97 8.57 -7.78 -19.08
C ALA E 97 7.47 -7.18 -19.92
N ARG E 98 7.37 -7.62 -21.17
CA ARG E 98 6.28 -7.17 -22.03
C ARG E 98 5.06 -8.05 -21.76
N GLY E 99 3.94 -7.40 -21.46
CA GLY E 99 2.67 -8.08 -21.27
C GLY E 99 1.75 -7.90 -22.46
N ARG E 100 0.48 -7.71 -22.16
CA ARG E 100 -0.51 -7.88 -23.21
C ARG E 100 -0.68 -6.62 -24.05
N ASN E 101 -1.04 -6.85 -25.30
CA ASN E 101 -1.41 -5.77 -26.20
C ASN E 101 -2.67 -5.08 -25.68
N TYR E 102 -2.78 -3.76 -25.92
CA TYR E 102 -3.95 -3.00 -25.47
C TYR E 102 -5.28 -3.62 -25.93
N LEU E 103 -5.28 -4.40 -27.01
CA LEU E 103 -6.50 -5.05 -27.51
C LEU E 103 -6.80 -6.40 -26.86
N ASP E 104 -5.86 -6.97 -26.09
CA ASP E 104 -5.98 -8.31 -25.54
C ASP E 104 -6.34 -8.28 -24.05
N SER E 105 -7.23 -9.18 -23.65
CA SER E 105 -7.51 -9.38 -22.24
C SER E 105 -6.70 -10.51 -21.59
N ARG E 106 -6.04 -11.39 -22.36
CA ARG E 106 -5.32 -12.54 -21.80
C ARG E 106 -3.84 -12.23 -21.58
N GLY E 107 -3.45 -12.02 -20.32
CA GLY E 107 -2.07 -11.64 -20.00
C GLY E 107 -1.07 -12.79 -19.93
N ARG E 108 0.17 -12.47 -20.30
CA ARG E 108 1.32 -13.36 -20.20
C ARG E 108 2.53 -12.52 -20.55
N PHE E 109 3.70 -12.89 -20.02
CA PHE E 109 4.93 -12.16 -20.30
C PHE E 109 5.70 -12.93 -21.38
N ASP E 110 5.59 -12.47 -22.64
CA ASP E 110 6.27 -13.19 -23.71
C ASP E 110 7.71 -12.76 -23.93
N TYR E 111 8.09 -11.53 -23.55
CA TYR E 111 9.48 -11.11 -23.60
C TYR E 111 9.87 -10.40 -22.31
N TRP E 112 11.15 -10.57 -21.93
CA TRP E 112 11.71 -10.07 -20.68
C TRP E 112 13.00 -9.33 -20.95
N GLY E 113 13.26 -8.31 -20.12
CA GLY E 113 14.59 -7.75 -20.04
C GLY E 113 15.54 -8.72 -19.36
N GLN E 114 16.82 -8.38 -19.40
CA GLN E 114 17.83 -9.27 -18.84
C GLN E 114 17.97 -9.15 -17.33
N GLY E 115 17.24 -8.23 -16.70
CA GLY E 115 17.37 -8.03 -15.26
C GLY E 115 18.42 -7.01 -14.88
N THR E 116 18.13 -6.20 -13.84
CA THR E 116 19.04 -5.20 -13.29
C THR E 116 19.23 -5.51 -11.82
N LEU E 117 20.47 -5.78 -11.42
CA LEU E 117 20.79 -6.10 -10.04
C LEU E 117 21.02 -4.80 -9.26
N VAL E 118 20.19 -4.56 -8.25
CA VAL E 118 20.29 -3.37 -7.41
C VAL E 118 20.82 -3.81 -6.05
N THR E 119 21.86 -3.11 -5.57
CA THR E 119 22.41 -3.32 -4.24
C THR E 119 22.32 -2.01 -3.46
N VAL E 120 21.68 -2.05 -2.30
CA VAL E 120 21.61 -0.91 -1.39
C VAL E 120 22.51 -1.21 -0.22
N SER E 121 23.52 -0.38 -0.04
CA SER E 121 24.53 -0.67 0.97
C SER E 121 25.30 0.60 1.29
N SER E 122 25.79 0.68 2.52
CA SER E 122 26.70 1.74 2.86
C SER E 122 28.14 1.38 2.55
N ALA E 123 28.40 0.14 2.13
CA ALA E 123 29.78 -0.28 1.91
C ALA E 123 30.32 0.31 0.60
N SER E 124 31.64 0.35 0.50
CA SER E 124 32.30 0.96 -0.63
C SER E 124 32.29 0.06 -1.85
N THR E 125 32.06 0.65 -3.03
CA THR E 125 32.34 -0.05 -4.27
C THR E 125 33.84 -0.30 -4.37
N LYS E 126 34.22 -1.53 -4.68
CA LYS E 126 35.62 -1.92 -4.76
C LYS E 126 35.79 -2.91 -5.92
N GLY E 127 36.70 -2.58 -6.83
CA GLY E 127 37.03 -3.46 -7.92
C GLY E 127 37.85 -4.66 -7.45
N PRO E 128 37.79 -5.75 -8.20
CA PRO E 128 38.48 -6.97 -7.78
C PRO E 128 39.95 -7.01 -8.19
N SER E 129 40.70 -7.84 -7.46
CA SER E 129 42.02 -8.28 -7.87
C SER E 129 41.87 -9.66 -8.50
N VAL E 130 42.57 -9.89 -9.60
CA VAL E 130 42.48 -11.14 -10.35
C VAL E 130 43.82 -11.86 -10.22
N PHE E 131 43.80 -13.06 -9.66
CA PHE E 131 45.00 -13.86 -9.47
C PHE E 131 44.88 -15.17 -10.24
N PRO E 132 45.97 -15.67 -10.81
CA PRO E 132 45.90 -16.94 -11.54
C PRO E 132 45.80 -18.13 -10.61
N LEU E 133 45.13 -19.18 -11.10
CA LEU E 133 45.12 -20.50 -10.50
C LEU E 133 45.90 -21.41 -11.44
N ALA E 134 47.17 -21.62 -11.13
CA ALA E 134 48.11 -22.26 -12.03
C ALA E 134 48.13 -23.77 -11.82
N PRO E 135 48.07 -24.56 -12.90
CA PRO E 135 48.10 -26.04 -12.89
C PRO E 135 49.48 -26.60 -12.59
N GLY E 143 46.29 -36.65 -17.73
CA GLY E 143 45.74 -36.32 -19.04
C GLY E 143 45.16 -34.91 -19.18
N THR E 144 44.32 -34.49 -18.24
CA THR E 144 43.70 -33.17 -18.26
C THR E 144 44.10 -32.38 -17.02
N ALA E 145 44.34 -31.08 -17.22
CA ALA E 145 44.71 -30.19 -16.14
C ALA E 145 43.62 -29.14 -15.94
N ALA E 146 43.57 -28.59 -14.74
CA ALA E 146 42.66 -27.50 -14.44
C ALA E 146 43.43 -26.21 -14.25
N LEU E 147 42.87 -25.11 -14.74
CA LEU E 147 43.43 -23.80 -14.40
C LEU E 147 42.28 -22.83 -14.16
N GLY E 148 42.61 -21.65 -13.67
CA GLY E 148 41.55 -20.72 -13.35
C GLY E 148 42.06 -19.37 -12.91
N CYS E 149 41.11 -18.58 -12.43
CA CYS E 149 41.32 -17.20 -11.99
C CYS E 149 40.57 -16.99 -10.70
N LEU E 150 41.25 -16.43 -9.73
CA LEU E 150 40.65 -16.05 -8.46
C LEU E 150 40.31 -14.57 -8.57
N VAL E 151 39.04 -14.25 -8.45
CA VAL E 151 38.52 -12.90 -8.56
C VAL E 151 38.14 -12.46 -7.15
N LYS E 152 39.01 -11.72 -6.48
CA LYS E 152 38.95 -11.58 -5.03
C LYS E 152 38.72 -10.14 -4.59
N ASP E 153 37.94 -9.98 -3.52
CA ASP E 153 37.77 -8.73 -2.77
C ASP E 153 37.12 -7.63 -3.61
N TYR E 154 35.86 -7.85 -3.97
CA TYR E 154 35.14 -6.86 -4.73
C TYR E 154 33.78 -6.64 -4.10
N PHE E 155 33.18 -5.50 -4.45
CA PHE E 155 31.85 -5.16 -3.98
C PHE E 155 31.34 -4.11 -4.95
N PRO E 156 30.06 -4.16 -5.35
CA PRO E 156 29.11 -5.21 -5.00
C PRO E 156 29.11 -6.31 -6.05
N GLU E 157 28.10 -7.20 -6.01
CA GLU E 157 27.81 -8.05 -7.16
C GLU E 157 27.26 -7.21 -8.31
N PRO E 158 27.38 -7.70 -9.56
CA PRO E 158 27.97 -8.96 -10.00
C PRO E 158 29.30 -8.76 -10.73
N VAL E 159 30.00 -9.85 -10.99
CA VAL E 159 31.11 -9.84 -11.94
C VAL E 159 30.78 -10.86 -13.02
N THR E 160 31.33 -10.67 -14.20
CA THR E 160 31.29 -11.70 -15.22
C THR E 160 32.70 -12.17 -15.50
N VAL E 161 32.84 -13.44 -15.83
CA VAL E 161 34.12 -14.01 -16.21
C VAL E 161 33.93 -14.79 -17.51
N SER E 162 34.79 -14.53 -18.49
CA SER E 162 34.84 -15.36 -19.69
C SER E 162 36.29 -15.80 -19.90
N TRP E 163 36.49 -16.71 -20.85
CA TRP E 163 37.80 -17.27 -21.14
C TRP E 163 38.14 -17.12 -22.62
N ASN E 164 39.34 -16.62 -22.91
CA ASN E 164 39.76 -16.28 -24.27
C ASN E 164 38.65 -15.52 -24.99
N SER E 165 38.13 -14.50 -24.32
CA SER E 165 37.18 -13.55 -24.90
C SER E 165 35.86 -14.22 -25.30
N GLY E 166 35.47 -15.27 -24.58
CA GLY E 166 34.25 -16.00 -24.88
C GLY E 166 34.41 -17.17 -25.83
N ALA E 167 35.55 -17.29 -26.51
CA ALA E 167 35.74 -18.41 -27.42
C ALA E 167 35.85 -19.73 -26.67
N LEU E 168 36.32 -19.71 -25.43
CA LEU E 168 36.53 -20.95 -24.65
C LEU E 168 35.41 -21.09 -23.63
N THR E 169 34.54 -22.08 -23.84
CA THR E 169 33.37 -22.25 -22.99
C THR E 169 33.27 -23.68 -22.48
N SER E 170 33.83 -24.64 -23.21
CA SER E 170 33.71 -26.03 -22.80
C SER E 170 34.55 -26.29 -21.56
N GLY E 171 33.91 -26.83 -20.53
CA GLY E 171 34.58 -27.15 -19.28
C GLY E 171 34.73 -25.99 -18.32
N VAL E 172 34.11 -24.86 -18.61
CA VAL E 172 34.23 -23.69 -17.74
C VAL E 172 33.24 -23.81 -16.60
N HIS E 173 33.72 -23.53 -15.38
CA HIS E 173 32.88 -23.43 -14.19
C HIS E 173 33.20 -22.11 -13.51
N THR E 174 32.24 -21.19 -13.50
CA THR E 174 32.38 -19.96 -12.74
C THR E 174 31.50 -20.10 -11.49
N PHE E 175 32.14 -20.16 -10.30
CA PHE E 175 31.44 -20.44 -9.05
C PHE E 175 30.67 -19.22 -8.56
N PRO E 176 29.57 -19.44 -7.83
CA PRO E 176 28.93 -18.31 -7.17
C PRO E 176 29.87 -17.68 -6.15
N ALA E 177 29.78 -16.35 -6.05
CA ALA E 177 30.59 -15.61 -5.13
C ALA E 177 30.28 -16.02 -3.69
N VAL E 178 31.29 -15.94 -2.84
CA VAL E 178 31.11 -16.10 -1.42
C VAL E 178 31.43 -14.77 -0.75
N LEU E 179 30.63 -14.40 0.22
CA LEU E 179 30.90 -13.23 1.03
C LEU E 179 31.98 -13.58 2.05
N GLN E 180 33.10 -12.88 2.03
CA GLN E 180 34.15 -13.12 3.02
C GLN E 180 33.81 -12.38 4.32
N SER E 181 34.57 -12.69 5.38
CA SER E 181 34.31 -12.04 6.66
C SER E 181 34.54 -10.53 6.58
N SER E 182 35.39 -10.07 5.66
CA SER E 182 35.58 -8.64 5.43
C SER E 182 34.37 -7.96 4.82
N GLY E 183 33.33 -8.72 4.47
CA GLY E 183 32.22 -8.16 3.76
C GLY E 183 32.44 -8.04 2.27
N LEU E 184 33.58 -8.50 1.75
CA LEU E 184 33.88 -8.40 0.33
C LEU E 184 33.65 -9.75 -0.34
N TYR E 185 33.25 -9.69 -1.60
CA TYR E 185 33.01 -10.90 -2.35
C TYR E 185 34.30 -11.46 -2.93
N SER E 186 34.34 -12.77 -3.08
CA SER E 186 35.39 -13.45 -3.80
C SER E 186 34.76 -14.59 -4.59
N LEU E 187 35.38 -14.91 -5.73
CA LEU E 187 34.82 -15.84 -6.71
C LEU E 187 35.97 -16.50 -7.45
N SER E 188 35.78 -17.77 -7.81
CA SER E 188 36.74 -18.47 -8.66
C SER E 188 36.07 -18.93 -9.95
N SER E 189 36.83 -18.90 -11.04
CA SER E 189 36.40 -19.48 -12.31
C SER E 189 37.50 -20.41 -12.79
N VAL E 190 37.14 -21.65 -13.13
CA VAL E 190 38.09 -22.67 -13.54
C VAL E 190 37.67 -23.25 -14.90
N VAL E 191 38.65 -23.84 -15.58
CA VAL E 191 38.42 -24.57 -16.82
C VAL E 191 39.38 -25.75 -16.86
N THR E 192 38.92 -26.89 -17.38
CA THR E 192 39.81 -28.03 -17.57
C THR E 192 40.30 -28.03 -19.01
N VAL E 193 41.61 -28.26 -19.17
CA VAL E 193 42.27 -28.25 -20.47
C VAL E 193 43.16 -29.48 -20.55
N PRO E 194 43.59 -29.87 -21.75
CA PRO E 194 44.57 -30.97 -21.84
C PRO E 194 45.93 -30.54 -21.30
N SER E 195 46.54 -31.43 -20.51
CA SER E 195 47.83 -31.13 -19.89
C SER E 195 48.87 -30.76 -20.95
N SER E 196 48.79 -31.40 -22.11
CA SER E 196 49.76 -31.18 -23.16
C SER E 196 49.71 -29.78 -23.73
N SER E 197 48.62 -29.06 -23.52
CA SER E 197 48.51 -27.72 -24.06
C SER E 197 49.01 -26.67 -23.08
N LEU E 198 49.26 -27.04 -21.82
CA LEU E 198 49.68 -26.04 -20.84
C LEU E 198 50.96 -25.35 -21.28
N GLY E 199 51.88 -26.09 -21.90
CA GLY E 199 53.15 -25.50 -22.30
C GLY E 199 52.97 -24.40 -23.32
N THR E 200 52.18 -24.64 -24.36
CA THR E 200 52.23 -23.79 -25.53
C THR E 200 50.97 -22.98 -25.82
N GLN E 201 49.83 -23.30 -25.20
CA GLN E 201 48.59 -22.63 -25.56
C GLN E 201 48.23 -21.55 -24.55
N THR E 202 47.43 -20.59 -25.00
CA THR E 202 47.11 -19.40 -24.23
C THR E 202 45.71 -19.49 -23.62
N TYR E 203 45.62 -19.24 -22.32
CA TYR E 203 44.36 -19.22 -21.59
C TYR E 203 44.27 -17.92 -20.81
N ILE E 204 43.27 -17.10 -21.11
CA ILE E 204 43.14 -15.78 -20.52
C ILE E 204 41.73 -15.65 -19.95
N CYS E 205 41.63 -15.26 -18.67
CA CYS E 205 40.31 -14.99 -18.12
C CYS E 205 40.01 -13.51 -18.23
N ASN E 206 38.84 -13.21 -18.77
CA ASN E 206 38.38 -11.83 -18.97
C ASN E 206 37.38 -11.54 -17.86
N VAL E 207 37.80 -10.73 -16.91
CA VAL E 207 37.02 -10.38 -15.73
C VAL E 207 36.44 -8.99 -15.91
N ASN E 208 35.14 -8.83 -15.65
CA ASN E 208 34.46 -7.56 -15.80
C ASN E 208 33.68 -7.26 -14.53
N HIS E 209 33.99 -6.14 -13.88
CA HIS E 209 33.21 -5.64 -12.74
C HIS E 209 32.74 -4.22 -13.09
N LYS E 210 31.57 -4.14 -13.71
CA LYS E 210 31.06 -2.85 -14.17
C LYS E 210 30.80 -1.85 -13.04
N PRO E 211 30.26 -2.23 -11.88
CA PRO E 211 30.07 -1.23 -10.80
C PRO E 211 31.30 -0.39 -10.51
N SER E 212 32.50 -0.95 -10.66
CA SER E 212 33.74 -0.19 -10.49
C SER E 212 34.43 0.09 -11.82
N ASN E 213 33.80 -0.27 -12.95
CA ASN E 213 34.37 -0.04 -14.28
C ASN E 213 35.77 -0.67 -14.42
N THR E 214 35.95 -1.87 -13.87
CA THR E 214 37.22 -2.58 -14.00
C THR E 214 37.09 -3.66 -15.06
N LYS E 215 38.02 -3.67 -16.01
CA LYS E 215 38.20 -4.74 -16.98
C LYS E 215 39.61 -5.29 -16.81
N VAL E 216 39.73 -6.60 -16.60
CA VAL E 216 41.03 -7.22 -16.40
C VAL E 216 41.11 -8.49 -17.24
N ASP E 217 42.18 -8.62 -18.01
CA ASP E 217 42.48 -9.85 -18.74
C ASP E 217 43.73 -10.46 -18.11
N LYS E 218 43.58 -11.65 -17.53
CA LYS E 218 44.66 -12.32 -16.82
C LYS E 218 45.08 -13.58 -17.55
N LYS E 219 46.34 -13.59 -18.00
CA LYS E 219 46.95 -14.74 -18.65
C LYS E 219 47.29 -15.79 -17.59
N VAL E 220 46.82 -17.03 -17.75
CA VAL E 220 47.08 -18.07 -16.76
C VAL E 220 48.09 -19.06 -17.33
N GLU E 221 49.25 -19.17 -16.66
CA GLU E 221 50.34 -20.02 -17.08
C GLU E 221 50.83 -20.86 -15.92
N PRO E 222 51.39 -22.05 -16.17
CA PRO E 222 52.02 -22.81 -15.09
C PRO E 222 53.21 -22.04 -14.53
N LYS E 223 53.41 -22.16 -13.22
CA LYS E 223 54.50 -21.41 -12.59
C LYS E 223 55.84 -21.93 -13.04
N SER E 224 56.71 -21.02 -13.48
CA SER E 224 58.09 -21.33 -13.84
C SER E 224 58.95 -21.53 -12.60
N ASN F 2 -29.53 -5.54 -1.80
CA ASN F 2 -29.95 -5.13 -3.14
C ASN F 2 -28.75 -5.08 -4.11
N LEU F 3 -28.64 -6.09 -4.98
CA LEU F 3 -27.52 -6.14 -5.92
C LEU F 3 -27.70 -5.12 -7.03
N CYS F 4 -26.63 -4.37 -7.31
CA CYS F 4 -26.67 -3.49 -8.48
C CYS F 4 -26.72 -4.35 -9.73
N PRO F 5 -27.52 -3.99 -10.72
CA PRO F 5 -27.78 -4.89 -11.87
C PRO F 5 -26.66 -4.87 -12.92
N PHE F 6 -25.45 -5.19 -12.49
CA PHE F 6 -24.32 -5.18 -13.43
C PHE F 6 -24.40 -6.34 -14.42
N GLY F 7 -24.95 -7.48 -14.00
CA GLY F 7 -25.06 -8.61 -14.90
C GLY F 7 -25.88 -8.28 -16.14
N GLU F 8 -26.93 -7.49 -15.97
CA GLU F 8 -27.73 -7.14 -17.14
C GLU F 8 -27.08 -6.03 -17.95
N VAL F 9 -26.25 -5.18 -17.33
CA VAL F 9 -25.47 -4.23 -18.12
C VAL F 9 -24.42 -4.96 -18.94
N PHE F 10 -23.57 -5.73 -18.27
CA PHE F 10 -22.45 -6.37 -18.95
C PHE F 10 -22.87 -7.53 -19.84
N ASN F 11 -23.93 -8.26 -19.49
CA ASN F 11 -24.32 -9.43 -20.27
C ASN F 11 -25.61 -9.19 -21.06
N ALA F 12 -26.01 -7.93 -21.26
CA ALA F 12 -27.13 -7.64 -22.13
C ALA F 12 -26.88 -8.28 -23.49
N THR F 13 -27.90 -8.95 -24.03
CA THR F 13 -27.71 -9.61 -25.32
C THR F 13 -27.44 -8.60 -26.42
N ARG F 14 -28.11 -7.45 -26.38
CA ARG F 14 -27.93 -6.40 -27.38
C ARG F 14 -27.25 -5.19 -26.76
N PHE F 15 -26.34 -4.58 -27.51
CA PHE F 15 -25.68 -3.34 -27.12
C PHE F 15 -26.04 -2.21 -28.08
N ALA F 16 -26.05 -1.00 -27.57
CA ALA F 16 -26.42 0.13 -28.40
C ALA F 16 -25.29 0.48 -29.37
N SER F 17 -25.67 1.14 -30.46
CA SER F 17 -24.68 1.82 -31.28
C SER F 17 -24.09 2.99 -30.51
N VAL F 18 -22.82 3.28 -30.79
CA VAL F 18 -22.13 4.28 -29.99
C VAL F 18 -22.76 5.66 -30.21
N TYR F 19 -23.21 5.95 -31.43
CA TYR F 19 -23.85 7.24 -31.66
C TYR F 19 -25.12 7.37 -30.83
N ALA F 20 -25.82 6.25 -30.61
CA ALA F 20 -27.00 6.23 -29.74
C ALA F 20 -26.72 5.47 -28.42
N TRP F 21 -25.61 5.81 -27.78
CA TRP F 21 -25.15 5.04 -26.63
C TRP F 21 -26.17 5.02 -25.50
N ASN F 22 -26.32 3.87 -24.87
CA ASN F 22 -27.29 3.70 -23.81
C ASN F 22 -26.74 4.19 -22.47
N ARG F 23 -27.63 4.68 -21.60
CA ARG F 23 -27.26 5.04 -20.24
C ARG F 23 -28.27 4.46 -19.27
N LYS F 24 -27.77 3.85 -18.20
CA LYS F 24 -28.63 3.35 -17.14
C LYS F 24 -28.20 3.94 -15.79
N ARG F 25 -29.18 4.36 -15.02
CA ARG F 25 -28.90 4.84 -13.67
C ARG F 25 -28.76 3.64 -12.74
N ILE F 26 -27.70 3.65 -11.93
CA ILE F 26 -27.49 2.66 -10.87
C ILE F 26 -27.82 3.36 -9.56
N SER F 27 -28.75 2.80 -8.80
CA SER F 27 -29.21 3.49 -7.59
C SER F 27 -29.51 2.50 -6.47
N ASN F 28 -29.41 3.01 -5.23
CA ASN F 28 -29.81 2.32 -4.01
C ASN F 28 -29.45 0.85 -4.04
N CYS F 29 -28.17 0.50 -4.07
CA CYS F 29 -27.80 -0.90 -4.22
C CYS F 29 -26.34 -1.09 -3.85
N VAL F 30 -25.95 -2.36 -3.67
CA VAL F 30 -24.59 -2.74 -3.34
C VAL F 30 -23.97 -3.44 -4.54
N ALA F 31 -22.71 -3.10 -4.81
CA ALA F 31 -21.98 -3.60 -5.98
C ALA F 31 -20.65 -4.15 -5.53
N ASP F 32 -20.32 -5.36 -5.98
CA ASP F 32 -19.00 -5.95 -5.77
C ASP F 32 -18.24 -5.84 -7.08
N TYR F 33 -17.40 -4.82 -7.19
CA TYR F 33 -16.69 -4.61 -8.45
C TYR F 33 -15.57 -5.62 -8.65
N SER F 34 -15.11 -6.28 -7.58
CA SER F 34 -14.07 -7.31 -7.74
C SER F 34 -14.50 -8.41 -8.71
N VAL F 35 -15.80 -8.71 -8.73
CA VAL F 35 -16.35 -9.67 -9.70
C VAL F 35 -16.00 -9.25 -11.12
N LEU F 36 -15.91 -7.95 -11.37
CA LEU F 36 -15.44 -7.46 -12.66
C LEU F 36 -13.92 -7.64 -12.80
N TYR F 37 -13.14 -6.98 -11.95
CA TYR F 37 -11.71 -6.92 -12.24
C TYR F 37 -10.97 -8.21 -11.88
N ASN F 38 -11.56 -9.09 -11.07
CA ASN F 38 -10.91 -10.37 -10.81
C ASN F 38 -11.00 -11.31 -12.01
N SER F 39 -11.95 -11.07 -12.93
CA SER F 39 -11.96 -11.83 -14.17
C SER F 39 -10.94 -11.22 -15.14
N ALA F 40 -10.59 -12.00 -16.15
CA ALA F 40 -9.71 -11.54 -17.22
C ALA F 40 -10.48 -11.34 -18.52
N SER F 41 -11.75 -10.96 -18.42
CA SER F 41 -12.55 -10.75 -19.63
C SER F 41 -12.30 -9.39 -20.29
N PHE F 42 -11.74 -8.43 -19.56
CA PHE F 42 -11.66 -7.05 -20.04
C PHE F 42 -10.27 -6.70 -20.56
N SER F 43 -10.21 -6.20 -21.79
CA SER F 43 -8.94 -5.74 -22.38
C SER F 43 -8.59 -4.33 -21.96
N THR F 44 -9.56 -3.57 -21.47
CA THR F 44 -9.36 -2.26 -20.88
C THR F 44 -10.14 -2.27 -19.58
N PHE F 45 -9.51 -1.79 -18.51
CA PHE F 45 -10.20 -1.65 -17.23
C PHE F 45 -9.44 -0.53 -16.52
N LYS F 46 -9.83 0.71 -16.81
CA LYS F 46 -9.13 1.88 -16.32
C LYS F 46 -10.08 2.73 -15.51
N CYS F 47 -9.65 3.15 -14.33
CA CYS F 47 -10.45 4.00 -13.46
C CYS F 47 -9.77 5.35 -13.27
N TYR F 48 -10.57 6.40 -13.09
CA TYR F 48 -10.11 7.78 -13.01
C TYR F 48 -10.70 8.42 -11.76
N GLY F 49 -9.85 9.05 -10.94
CA GLY F 49 -10.26 9.61 -9.67
C GLY F 49 -10.42 8.60 -8.54
N VAL F 50 -10.28 7.31 -8.85
CA VAL F 50 -10.43 6.23 -7.87
C VAL F 50 -9.48 5.11 -8.27
N SER F 51 -9.09 4.26 -7.25
CA SER F 51 -8.35 3.04 -7.55
C SER F 51 -9.31 1.87 -7.63
N PRO F 52 -9.18 0.98 -8.61
CA PRO F 52 -10.18 -0.10 -8.76
C PRO F 52 -10.28 -1.01 -7.55
N THR F 53 -9.15 -1.33 -6.90
CA THR F 53 -9.20 -2.22 -5.74
C THR F 53 -9.75 -1.56 -4.50
N LYS F 54 -10.08 -0.27 -4.53
CA LYS F 54 -10.74 0.38 -3.41
C LYS F 54 -12.19 0.72 -3.72
N LEU F 55 -12.72 0.25 -4.84
CA LEU F 55 -14.08 0.61 -5.20
C LEU F 55 -15.08 0.02 -4.22
N ASN F 56 -14.82 -1.21 -3.75
CA ASN F 56 -15.72 -1.87 -2.81
C ASN F 56 -15.81 -1.18 -1.48
N ASP F 57 -14.82 -0.38 -1.14
CA ASP F 57 -14.77 0.36 0.12
C ASP F 57 -15.38 1.74 0.03
N LEU F 58 -16.02 2.08 -1.08
CA LEU F 58 -16.54 3.43 -1.31
C LEU F 58 -18.05 3.43 -1.43
N CYS F 59 -18.62 4.62 -1.27
CA CYS F 59 -20.02 4.89 -1.56
C CYS F 59 -20.06 6.05 -2.55
N PHE F 60 -21.01 6.00 -3.48
CA PHE F 60 -21.04 6.89 -4.62
C PHE F 60 -22.36 7.64 -4.70
N THR F 61 -22.31 8.84 -5.29
CA THR F 61 -23.48 9.64 -5.62
C THR F 61 -23.63 9.66 -7.14
N ASN F 62 -24.85 9.47 -7.60
CA ASN F 62 -25.19 9.62 -9.02
C ASN F 62 -24.34 8.71 -9.92
N VAL F 63 -24.48 7.40 -9.71
CA VAL F 63 -23.81 6.43 -10.58
C VAL F 63 -24.59 6.23 -11.88
N TYR F 64 -23.85 6.13 -12.98
CA TYR F 64 -24.40 5.85 -14.29
C TYR F 64 -23.54 4.81 -14.99
N ALA F 65 -24.18 3.98 -15.81
CA ALA F 65 -23.52 2.96 -16.61
C ALA F 65 -23.91 3.19 -18.08
N ASP F 66 -22.96 3.67 -18.88
CA ASP F 66 -23.15 3.85 -20.31
C ASP F 66 -22.55 2.67 -21.04
N SER F 67 -23.19 2.21 -22.11
CA SER F 67 -22.68 1.07 -22.87
C SER F 67 -22.94 1.28 -24.36
N PHE F 68 -22.06 0.70 -25.19
CA PHE F 68 -22.10 0.82 -26.64
C PHE F 68 -21.04 -0.11 -27.24
N VAL F 69 -21.03 -0.17 -28.57
CA VAL F 69 -20.04 -0.91 -29.35
C VAL F 69 -19.24 0.05 -30.23
N ILE F 70 -17.93 -0.17 -30.30
CA ILE F 70 -17.03 0.48 -31.23
C ILE F 70 -16.03 -0.56 -31.71
N ARG F 71 -15.13 -0.18 -32.61
CA ARG F 71 -14.07 -1.11 -33.00
C ARG F 71 -12.86 -0.98 -32.08
N GLY F 72 -12.08 -2.06 -32.04
CA GLY F 72 -10.97 -2.19 -31.09
C GLY F 72 -10.05 -1.00 -31.01
N ASP F 73 -9.55 -0.55 -32.16
CA ASP F 73 -8.54 0.51 -32.11
C ASP F 73 -9.12 1.91 -31.88
N GLU F 74 -10.41 2.01 -31.54
CA GLU F 74 -11.02 3.25 -31.06
C GLU F 74 -11.19 3.28 -29.54
N VAL F 75 -10.93 2.17 -28.85
CA VAL F 75 -11.21 2.13 -27.41
C VAL F 75 -10.37 3.16 -26.67
N ARG F 76 -9.18 3.46 -27.18
CA ARG F 76 -8.34 4.46 -26.55
C ARG F 76 -8.96 5.87 -26.55
N GLN F 77 -9.92 6.13 -27.43
CA GLN F 77 -10.64 7.41 -27.40
C GLN F 77 -11.62 7.51 -26.25
N ILE F 78 -11.97 6.38 -25.63
CA ILE F 78 -12.85 6.45 -24.47
C ILE F 78 -11.99 6.72 -23.24
N ALA F 79 -11.45 7.94 -23.16
CA ALA F 79 -10.60 8.37 -22.06
C ALA F 79 -10.63 9.88 -22.02
N PRO F 80 -10.31 10.48 -20.88
CA PRO F 80 -10.26 11.96 -20.82
C PRO F 80 -9.20 12.51 -21.76
N GLY F 81 -9.51 13.65 -22.36
CA GLY F 81 -8.58 14.37 -23.20
C GLY F 81 -8.25 13.72 -24.52
N GLN F 82 -9.17 12.95 -25.08
CA GLN F 82 -8.95 12.27 -26.34
C GLN F 82 -9.69 12.97 -27.45
N THR F 83 -9.20 12.80 -28.67
CA THR F 83 -9.88 13.27 -29.86
C THR F 83 -9.93 12.13 -30.86
N GLY F 84 -10.71 12.36 -31.92
CA GLY F 84 -10.98 11.35 -32.91
C GLY F 84 -12.47 11.25 -33.17
N LYS F 85 -12.79 10.46 -34.21
CA LYS F 85 -14.17 10.29 -34.66
C LYS F 85 -15.11 10.00 -33.49
N ILE F 86 -14.69 9.09 -32.59
CA ILE F 86 -15.54 8.66 -31.48
C ILE F 86 -15.63 9.72 -30.40
N ALA F 87 -14.48 10.20 -29.91
CA ALA F 87 -14.51 11.21 -28.85
C ALA F 87 -15.13 12.52 -29.35
N ASP F 88 -14.88 12.88 -30.61
CA ASP F 88 -15.40 14.14 -31.12
C ASP F 88 -16.88 14.05 -31.48
N TYR F 89 -17.33 12.95 -32.11
CA TYR F 89 -18.66 12.95 -32.72
C TYR F 89 -19.63 11.93 -32.11
N ASN F 90 -19.19 11.07 -31.19
CA ASN F 90 -20.05 9.97 -30.78
C ASN F 90 -20.23 9.86 -29.26
N TYR F 91 -19.12 9.81 -28.52
CA TYR F 91 -19.18 9.68 -27.06
C TYR F 91 -17.98 10.37 -26.45
N LYS F 92 -18.22 11.39 -25.64
CA LYS F 92 -17.17 12.27 -25.14
C LYS F 92 -17.06 12.16 -23.63
N LEU F 93 -15.89 11.78 -23.14
CA LEU F 93 -15.69 11.82 -21.70
C LEU F 93 -15.17 13.19 -21.29
N PRO F 94 -15.59 13.68 -20.13
CA PRO F 94 -15.08 14.97 -19.65
C PRO F 94 -13.63 14.85 -19.20
N ASP F 95 -12.95 16.00 -19.24
CA ASP F 95 -11.56 16.05 -18.77
C ASP F 95 -11.45 15.65 -17.31
N ASP F 96 -12.46 15.96 -16.52
CA ASP F 96 -12.48 15.69 -15.09
C ASP F 96 -13.25 14.42 -14.75
N PHE F 97 -13.27 13.45 -15.67
CA PHE F 97 -14.03 12.23 -15.49
C PHE F 97 -13.66 11.52 -14.21
N THR F 98 -14.68 11.06 -13.48
CA THR F 98 -14.53 10.20 -12.31
C THR F 98 -15.32 8.93 -12.57
N GLY F 99 -14.63 7.81 -12.70
CA GLY F 99 -15.31 6.57 -12.99
C GLY F 99 -14.35 5.57 -13.63
N CYS F 100 -14.92 4.59 -14.32
CA CYS F 100 -14.16 3.51 -14.92
C CYS F 100 -14.60 3.25 -16.35
N VAL F 101 -13.63 2.90 -17.19
CA VAL F 101 -13.88 2.48 -18.56
C VAL F 101 -13.52 1.01 -18.68
N ILE F 102 -14.50 0.21 -19.08
CA ILE F 102 -14.36 -1.24 -19.16
C ILE F 102 -14.68 -1.67 -20.59
N ALA F 103 -13.77 -2.41 -21.22
CA ALA F 103 -14.01 -2.84 -22.59
C ALA F 103 -13.54 -4.27 -22.78
N TRP F 104 -14.16 -4.95 -23.75
CA TRP F 104 -13.77 -6.32 -24.06
C TRP F 104 -14.16 -6.65 -25.50
N ASN F 105 -13.37 -7.53 -26.11
CA ASN F 105 -13.60 -7.96 -27.48
C ASN F 105 -14.90 -8.76 -27.60
N SER F 106 -15.75 -8.38 -28.55
CA SER F 106 -17.04 -9.04 -28.70
C SER F 106 -17.21 -9.63 -30.10
N ASN F 107 -16.09 -10.00 -30.74
CA ASN F 107 -16.14 -10.60 -32.06
C ASN F 107 -17.14 -11.76 -32.10
N ASN F 108 -17.13 -12.60 -31.06
CA ASN F 108 -17.99 -13.76 -30.96
C ASN F 108 -19.48 -13.39 -30.97
N LEU F 109 -19.83 -12.20 -30.47
CA LEU F 109 -21.24 -11.84 -30.36
C LEU F 109 -21.69 -10.85 -31.43
N ASP F 110 -20.78 -10.08 -32.02
CA ASP F 110 -21.14 -8.89 -32.77
C ASP F 110 -20.65 -8.89 -34.20
N SER F 111 -19.88 -9.89 -34.62
CA SER F 111 -19.52 -10.03 -36.01
C SER F 111 -20.35 -11.14 -36.65
N LYS F 112 -20.43 -11.12 -37.98
CA LYS F 112 -21.20 -12.13 -38.70
C LYS F 112 -20.49 -12.44 -40.02
N VAL F 113 -20.66 -13.67 -40.47
CA VAL F 113 -19.99 -14.18 -41.67
C VAL F 113 -20.17 -13.23 -42.86
N GLY F 114 -21.39 -12.75 -43.07
CA GLY F 114 -21.55 -11.78 -44.13
C GLY F 114 -21.13 -10.38 -43.77
N GLY F 115 -20.89 -10.13 -42.48
CA GLY F 115 -20.63 -8.79 -42.01
C GLY F 115 -21.84 -8.33 -41.24
N ASN F 116 -21.64 -7.87 -40.01
CA ASN F 116 -22.72 -7.30 -39.23
C ASN F 116 -22.67 -5.79 -39.40
N TYR F 117 -23.71 -5.24 -40.01
CA TYR F 117 -23.77 -3.82 -40.35
C TYR F 117 -24.74 -3.04 -39.50
N ASN F 118 -25.26 -3.64 -38.43
CA ASN F 118 -26.24 -2.96 -37.58
C ASN F 118 -25.61 -2.00 -36.58
N TYR F 119 -24.31 -2.07 -36.32
CA TYR F 119 -23.67 -1.12 -35.42
C TYR F 119 -23.18 0.08 -36.21
N LEU F 120 -23.60 1.29 -35.78
CA LEU F 120 -23.36 2.52 -36.52
C LEU F 120 -22.54 3.50 -35.69
N TYR F 121 -21.87 4.41 -36.39
CA TYR F 121 -21.17 5.52 -35.78
C TYR F 121 -21.40 6.78 -36.61
N ARG F 122 -21.28 7.93 -35.95
CA ARG F 122 -21.37 9.22 -36.64
C ARG F 122 -20.03 9.53 -37.26
N LEU F 123 -20.02 9.78 -38.57
CA LEU F 123 -18.77 10.01 -39.28
C LEU F 123 -18.43 11.48 -39.36
N PHE F 124 -19.44 12.35 -39.36
CA PHE F 124 -19.30 13.79 -39.59
C PHE F 124 -20.10 14.57 -38.56
N ARG F 125 -19.58 15.74 -38.19
CA ARG F 125 -20.32 16.65 -37.32
C ARG F 125 -19.69 18.03 -37.45
N LYS F 126 -20.51 19.05 -37.31
CA LYS F 126 -20.02 20.41 -37.47
C LYS F 126 -19.24 20.88 -36.25
N SER F 127 -19.56 20.33 -35.08
CA SER F 127 -18.86 20.67 -33.85
C SER F 127 -18.66 19.41 -33.02
N ASN F 128 -17.72 19.50 -32.08
CA ASN F 128 -17.47 18.37 -31.19
C ASN F 128 -18.58 18.25 -30.17
N LEU F 129 -18.82 17.02 -29.73
CA LEU F 129 -19.77 16.80 -28.65
C LEU F 129 -19.23 17.38 -27.34
N LYS F 130 -20.16 17.82 -26.51
CA LYS F 130 -19.87 18.12 -25.12
C LYS F 130 -19.76 16.81 -24.35
N PRO F 131 -19.11 16.83 -23.18
CA PRO F 131 -19.02 15.61 -22.38
C PRO F 131 -20.41 15.05 -22.10
N PHE F 132 -20.54 13.75 -22.31
CA PHE F 132 -21.77 12.99 -22.11
C PHE F 132 -22.91 13.45 -23.00
N GLU F 133 -22.64 14.29 -24.01
CA GLU F 133 -23.69 14.66 -24.97
C GLU F 133 -24.00 13.51 -25.92
N ARG F 134 -25.27 13.38 -26.28
CA ARG F 134 -25.73 12.34 -27.20
C ARG F 134 -26.45 12.99 -28.37
N ASP F 135 -26.06 12.62 -29.59
CA ASP F 135 -26.60 13.18 -30.82
C ASP F 135 -27.09 12.05 -31.71
N ILE F 136 -28.40 11.94 -31.89
CA ILE F 136 -28.98 10.90 -32.71
C ILE F 136 -29.61 11.47 -33.99
N SER F 137 -29.36 12.73 -34.29
CA SER F 137 -29.93 13.36 -35.48
C SER F 137 -29.31 12.74 -36.74
N THR F 138 -30.03 12.89 -37.85
CA THR F 138 -29.59 12.33 -39.13
C THR F 138 -29.70 13.33 -40.24
N GLU F 139 -29.41 14.61 -39.96
CA GLU F 139 -29.46 15.62 -41.00
C GLU F 139 -28.27 15.46 -41.95
N ILE F 140 -28.47 15.87 -43.21
CA ILE F 140 -27.40 15.79 -44.19
C ILE F 140 -26.27 16.72 -43.78
N TYR F 141 -25.04 16.22 -43.85
CA TYR F 141 -23.87 16.98 -43.42
C TYR F 141 -23.25 17.71 -44.60
N GLN F 142 -23.03 19.02 -44.43
CA GLN F 142 -22.42 19.87 -45.45
C GLN F 142 -20.89 19.82 -45.28
N ALA F 143 -20.24 19.04 -46.13
CA ALA F 143 -18.79 18.92 -46.08
C ALA F 143 -18.08 19.95 -46.95
N GLY F 144 -18.82 20.71 -47.77
CA GLY F 144 -18.18 21.73 -48.61
C GLY F 144 -18.80 23.10 -48.46
N SER F 145 -18.46 24.03 -49.37
CA SER F 145 -18.98 25.39 -49.30
C SER F 145 -20.43 25.51 -49.75
N THR F 146 -20.94 24.58 -50.54
CA THR F 146 -22.29 24.71 -51.07
C THR F 146 -23.32 24.07 -50.12
N PRO F 147 -24.45 24.73 -49.89
CA PRO F 147 -25.49 24.13 -49.05
C PRO F 147 -26.06 22.88 -49.69
N CYS F 148 -26.66 22.04 -48.84
CA CYS F 148 -27.26 20.78 -49.27
C CYS F 148 -28.78 20.85 -49.34
N ASN F 149 -29.37 21.71 -48.51
CA ASN F 149 -30.85 21.86 -48.48
C ASN F 149 -31.49 20.50 -48.19
N GLY F 150 -30.90 19.73 -47.26
CA GLY F 150 -31.40 18.41 -46.91
C GLY F 150 -31.37 17.36 -48.00
N VAL F 151 -30.43 17.45 -48.95
CA VAL F 151 -30.34 16.49 -50.04
C VAL F 151 -28.94 15.89 -50.12
N GLU F 152 -28.86 14.57 -50.27
CA GLU F 152 -27.57 13.90 -50.44
C GLU F 152 -26.96 14.21 -51.79
N GLY F 153 -25.64 14.32 -51.82
CA GLY F 153 -24.94 14.56 -53.07
C GLY F 153 -23.46 14.73 -52.81
N PHE F 154 -22.78 15.39 -53.76
CA PHE F 154 -21.35 15.62 -53.56
C PHE F 154 -21.15 16.60 -52.41
N ASN F 155 -20.28 16.22 -51.47
CA ASN F 155 -20.00 17.01 -50.28
C ASN F 155 -21.24 17.17 -49.40
N CYS F 156 -22.23 16.29 -49.55
CA CYS F 156 -23.46 16.33 -48.77
C CYS F 156 -23.79 14.91 -48.34
N TYR F 157 -23.44 14.56 -47.11
CA TYR F 157 -23.40 13.16 -46.70
C TYR F 157 -24.40 12.88 -45.58
N PHE F 158 -25.01 11.71 -45.67
CA PHE F 158 -25.69 11.14 -44.51
C PHE F 158 -24.66 10.90 -43.42
N PRO F 159 -24.89 11.38 -42.20
CA PRO F 159 -23.79 11.49 -41.22
C PRO F 159 -23.39 10.18 -40.54
N LEU F 160 -24.21 9.14 -40.60
CA LEU F 160 -23.91 7.86 -39.95
C LEU F 160 -23.39 6.85 -40.96
N GLN F 161 -22.36 6.11 -40.58
CA GLN F 161 -21.82 5.03 -41.37
C GLN F 161 -21.79 3.77 -40.50
N SER F 162 -21.94 2.63 -41.14
CA SER F 162 -21.95 1.34 -40.45
C SER F 162 -20.54 0.81 -40.27
N TYR F 163 -20.26 0.25 -39.11
CA TYR F 163 -19.11 -0.62 -38.97
C TYR F 163 -19.33 -1.88 -39.80
N GLY F 164 -18.26 -2.42 -40.34
CA GLY F 164 -18.41 -3.72 -40.98
C GLY F 164 -17.73 -4.75 -40.12
N PHE F 165 -18.49 -5.47 -39.30
CA PHE F 165 -17.90 -6.45 -38.38
C PHE F 165 -18.02 -7.83 -39.01
N GLN F 166 -16.93 -8.27 -39.64
CA GLN F 166 -16.74 -9.62 -40.16
C GLN F 166 -15.76 -10.38 -39.29
N PRO F 167 -16.00 -11.67 -39.06
CA PRO F 167 -15.21 -12.40 -38.06
C PRO F 167 -13.74 -12.43 -38.38
N THR F 168 -13.36 -12.28 -39.64
CA THR F 168 -11.97 -12.33 -40.05
C THR F 168 -11.29 -10.96 -40.08
N ASN F 169 -11.94 -9.90 -39.61
CA ASN F 169 -11.27 -8.60 -39.50
C ASN F 169 -10.06 -8.71 -38.59
N GLY F 170 -9.09 -7.82 -38.81
CA GLY F 170 -8.03 -7.65 -37.83
C GLY F 170 -8.60 -7.22 -36.49
N VAL F 171 -7.87 -7.55 -35.41
CA VAL F 171 -8.37 -7.30 -34.07
C VAL F 171 -8.75 -5.85 -33.87
N GLY F 172 -7.97 -4.93 -34.47
CA GLY F 172 -8.28 -3.51 -34.39
C GLY F 172 -9.56 -3.11 -35.11
N TYR F 173 -10.08 -3.99 -35.96
CA TYR F 173 -11.33 -3.76 -36.64
C TYR F 173 -12.46 -4.62 -36.11
N GLN F 174 -12.22 -5.43 -35.09
CA GLN F 174 -13.27 -6.21 -34.49
C GLN F 174 -14.08 -5.37 -33.52
N PRO F 175 -15.31 -5.78 -33.22
CA PRO F 175 -16.14 -5.00 -32.30
C PRO F 175 -15.68 -5.20 -30.87
N TYR F 176 -15.77 -4.13 -30.08
CA TYR F 176 -15.54 -4.18 -28.65
C TYR F 176 -16.77 -3.59 -27.98
N ARG F 177 -17.26 -4.27 -26.95
CA ARG F 177 -18.27 -3.73 -26.07
C ARG F 177 -17.59 -2.92 -24.97
N VAL F 178 -18.20 -1.80 -24.62
CA VAL F 178 -17.63 -0.84 -23.70
C VAL F 178 -18.69 -0.48 -22.68
N VAL F 179 -18.30 -0.46 -21.40
CA VAL F 179 -19.14 0.07 -20.33
C VAL F 179 -18.37 1.18 -19.64
N VAL F 180 -19.00 2.35 -19.51
CA VAL F 180 -18.42 3.47 -18.80
C VAL F 180 -19.26 3.67 -17.53
N LEU F 181 -18.63 3.48 -16.37
CA LEU F 181 -19.27 3.71 -15.08
C LEU F 181 -18.89 5.12 -14.60
N SER F 182 -19.87 6.00 -14.46
CA SER F 182 -19.68 7.35 -13.95
C SER F 182 -20.01 7.41 -12.47
N PHE F 183 -19.11 8.03 -11.66
CA PHE F 183 -19.29 8.23 -10.22
C PHE F 183 -19.22 9.71 -9.82
N GLU F 184 -19.89 10.06 -8.74
CA GLU F 184 -19.61 11.30 -8.04
C GLU F 184 -19.30 11.00 -6.58
N LEU F 185 -18.15 11.47 -6.10
CA LEU F 185 -17.71 11.31 -4.72
C LEU F 185 -17.81 12.68 -4.06
N LEU F 186 -18.93 12.94 -3.38
CA LEU F 186 -19.23 14.26 -2.87
C LEU F 186 -19.52 14.18 -1.37
N HIS F 187 -19.44 15.33 -0.72
CA HIS F 187 -20.01 15.50 0.62
C HIS F 187 -21.51 15.66 0.44
N ALA F 188 -22.21 14.53 0.37
CA ALA F 188 -23.64 14.43 0.11
C ALA F 188 -24.06 12.98 0.33
N PRO F 189 -25.36 12.69 0.43
CA PRO F 189 -25.78 11.28 0.56
C PRO F 189 -25.35 10.41 -0.61
N ALA F 190 -25.11 9.13 -0.32
CA ALA F 190 -24.65 8.14 -1.31
C ALA F 190 -25.53 6.89 -1.22
N THR F 191 -26.22 6.55 -2.32
CA THR F 191 -27.13 5.41 -2.29
C THR F 191 -26.53 4.12 -2.87
N VAL F 192 -25.32 4.15 -3.42
CA VAL F 192 -24.69 2.95 -3.97
C VAL F 192 -23.36 2.74 -3.26
N CYS F 193 -23.19 1.56 -2.66
CA CYS F 193 -22.01 1.25 -1.85
C CYS F 193 -21.53 -0.15 -2.20
N GLY F 194 -20.34 -0.50 -1.69
CA GLY F 194 -19.80 -1.83 -1.86
C GLY F 194 -20.35 -2.75 -0.79
N PRO F 195 -19.84 -3.99 -0.70
CA PRO F 195 -20.26 -4.97 0.32
C PRO F 195 -19.72 -4.65 1.71
C1 NAG G . -23.39 -13.96 -21.16
C2 NAG G . -22.59 -13.76 -22.46
C3 NAG G . -22.07 -15.11 -23.01
C4 NAG G . -21.40 -15.94 -21.94
C5 NAG G . -22.34 -16.05 -20.74
C6 NAG G . -21.78 -16.85 -19.61
C7 NAG G . -23.19 -11.82 -23.84
C8 NAG G . -24.17 -11.28 -24.85
N2 NAG G . -23.41 -13.09 -23.45
O3 NAG G . -21.16 -14.87 -24.10
O4 NAG G . -21.09 -17.25 -22.41
O5 NAG G . -22.63 -14.74 -20.23
O6 NAG G . -20.71 -16.14 -19.02
O7 NAG G . -22.25 -11.16 -23.42
C1 NAG G . -19.68 -17.62 -22.41
C2 NAG G . -19.53 -19.15 -22.36
C3 NAG G . -18.06 -19.58 -22.48
C4 NAG G . -17.39 -18.91 -23.68
C5 NAG G . -17.59 -17.40 -23.61
C6 NAG G . -17.02 -16.67 -24.80
C7 NAG G . -21.17 -20.54 -21.16
C8 NAG G . -21.64 -21.03 -19.82
N2 NAG G . -20.13 -19.71 -21.15
O3 NAG G . -17.95 -20.99 -22.61
O4 NAG G . -16.01 -19.26 -23.70
O5 NAG G . -18.98 -17.09 -23.56
O6 NAG G . -17.29 -17.37 -26.01
O7 NAG G . -21.73 -20.89 -22.21
C1 FUC G . -20.59 -16.69 -17.69
C2 FUC G . -19.31 -17.58 -17.69
C3 FUC G . -18.51 -17.35 -16.39
C4 FUC G . -19.49 -17.29 -15.20
C5 FUC G . -20.47 -16.07 -15.38
C6 FUC G . -21.91 -16.33 -14.92
O2 FUC G . -18.51 -17.42 -18.89
O3 FUC G . -17.59 -18.43 -16.18
O4 FUC G . -20.22 -18.51 -15.09
O5 FUC G . -20.55 -15.64 -16.74
#